data_4KS9
#
_entry.id   4KS9
#
_cell.length_a   191.015
_cell.length_b   69.392
_cell.length_c   74.362
_cell.angle_alpha   90.000
_cell.angle_beta   103.800
_cell.angle_gamma   90.000
#
_symmetry.space_group_name_H-M   'C 1 2 1'
#
loop_
_entity.id
_entity.type
_entity.pdbx_description
1 polymer 'Malonyl-CoA decarboxylase'
2 non-polymer 'MAGNESIUM ION'
3 water water
#
_entity_poly.entity_id   1
_entity_poly.type   'polypeptide(L)'
_entity_poly.pdbx_seq_one_letter_code
;STRATKRQRDQLRQCFDARLTDVAANAAAQAWQDEYEAAVEPLRQAMLGVLAEVAAVRDAAGGQPATASGLSQALSNARI
RFFKRFAALHGQRGNSACGLHFLIQLRADMLRWHKRIPGLRELDEDLEALFSNWFDVGLLELQPITWDSPASLLEKLIRY
EAVHEISSWTDLRNRLDSDRRCYAFFHPRIPREPLIFVEVAFVPEMAANVQALLDEAAPLEDLRRVKWAIFYSISNTQAG
LRGVSFGNFLLKRVIEELQREHPKLKQFATLSPIPGFADWLRKRDGESIDRVLGVKRLARWREQHGEVPADGAAWFSALS
ADTEDTVIRDTAMTLAAHYLVREGGKGVPADPVARFHLGNGACVERVNWGADMSRKGRAQSCGMMVNYLYVPDALDDNLA
RLGDGNPRISRAVAKLLAAALEHHHHHH
;
_entity_poly.pdbx_strand_id   A,B
#
# COMPACT_ATOMS: atom_id res chain seq x y z
N THR A 2 31.17 1.36 5.82
CA THR A 2 31.49 2.56 4.98
C THR A 2 32.78 2.31 4.20
N ARG A 3 32.82 1.19 3.48
CA ARG A 3 34.00 0.84 2.69
C ARG A 3 34.01 1.60 1.37
N ALA A 4 33.39 1.00 0.36
CA ALA A 4 33.31 1.62 -0.95
C ALA A 4 32.08 2.53 -0.98
N THR A 5 31.23 2.40 0.04
CA THR A 5 30.01 3.21 0.12
C THR A 5 30.36 4.69 0.16
N LYS A 6 31.64 5.00 0.34
CA LYS A 6 32.12 6.37 0.39
C LYS A 6 32.41 6.86 -1.03
N ARG A 7 32.65 5.91 -1.94
CA ARG A 7 32.92 6.24 -3.33
C ARG A 7 31.60 6.61 -4.02
N GLN A 8 30.54 5.90 -3.65
CA GLN A 8 29.22 6.15 -4.21
C GLN A 8 28.70 7.49 -3.68
N ARG A 9 28.98 7.77 -2.41
CA ARG A 9 28.55 9.03 -1.81
C ARG A 9 29.21 10.17 -2.56
N ASP A 10 30.52 10.07 -2.78
CA ASP A 10 31.26 11.09 -3.50
C ASP A 10 30.68 11.24 -4.91
N GLN A 11 30.47 10.11 -5.57
CA GLN A 11 29.90 10.13 -6.91
C GLN A 11 28.59 10.89 -6.91
N LEU A 12 27.66 10.46 -6.05
CA LEU A 12 26.36 11.10 -5.96
C LEU A 12 26.42 12.60 -5.63
N ARG A 13 27.41 13.00 -4.84
CA ARG A 13 27.56 14.41 -4.48
C ARG A 13 27.82 15.24 -5.73
N GLN A 14 28.65 14.72 -6.63
CA GLN A 14 28.94 15.42 -7.87
C GLN A 14 27.68 15.51 -8.73
N CYS A 15 27.02 14.37 -8.89
CA CYS A 15 25.81 14.29 -9.70
C CYS A 15 24.71 15.23 -9.21
N PHE A 16 24.69 15.47 -7.90
CA PHE A 16 23.70 16.34 -7.28
C PHE A 16 24.10 17.81 -7.29
N ASP A 17 25.36 18.06 -7.00
CA ASP A 17 25.89 19.42 -6.87
C ASP A 17 26.58 20.08 -8.06
N ALA A 18 27.22 19.30 -8.92
CA ALA A 18 27.93 19.87 -10.06
C ALA A 18 26.97 20.35 -11.15
N ARG A 19 27.48 21.19 -12.05
CA ARG A 19 26.67 21.70 -13.14
C ARG A 19 26.44 20.55 -14.13
N LEU A 20 25.36 20.66 -14.90
CA LEU A 20 25.01 19.61 -15.84
C LEU A 20 26.09 19.33 -16.88
N THR A 21 26.81 20.37 -17.26
CA THR A 21 27.87 20.22 -18.26
C THR A 21 29.15 19.57 -17.75
N ASP A 22 29.45 19.77 -16.48
CA ASP A 22 30.66 19.23 -15.88
C ASP A 22 30.94 17.80 -16.34
N VAL A 23 31.96 17.66 -17.19
CA VAL A 23 32.31 16.36 -17.73
C VAL A 23 32.60 15.31 -16.66
N ALA A 24 33.25 15.73 -15.58
CA ALA A 24 33.59 14.82 -14.49
C ALA A 24 32.34 14.26 -13.81
N ALA A 25 31.43 15.14 -13.44
CA ALA A 25 30.21 14.72 -12.78
C ALA A 25 29.42 13.74 -13.66
N ASN A 26 29.44 13.97 -14.96
CA ASN A 26 28.72 13.07 -15.86
C ASN A 26 29.41 11.73 -15.90
N ALA A 27 30.72 11.75 -15.79
CA ALA A 27 31.47 10.51 -15.79
C ALA A 27 31.05 9.73 -14.54
N ALA A 28 31.01 10.46 -13.43
CA ALA A 28 30.63 9.88 -12.15
C ALA A 28 29.27 9.21 -12.26
N ALA A 29 28.33 9.90 -12.89
CA ALA A 29 26.97 9.38 -13.07
C ALA A 29 27.01 8.09 -13.89
N GLN A 30 27.78 8.14 -14.96
CA GLN A 30 27.93 6.99 -15.83
C GLN A 30 28.44 5.81 -15.00
N ALA A 31 29.38 6.11 -14.10
CA ALA A 31 29.97 5.09 -13.22
C ALA A 31 28.96 4.49 -12.25
N TRP A 32 28.23 5.36 -11.55
CA TRP A 32 27.25 4.93 -10.57
C TRP A 32 26.18 4.05 -11.20
N GLN A 33 25.82 4.35 -12.45
CA GLN A 33 24.81 3.58 -13.16
C GLN A 33 25.29 2.14 -13.35
N ASP A 34 26.47 1.98 -13.94
CA ASP A 34 27.04 0.65 -14.16
C ASP A 34 27.03 -0.13 -12.85
N GLU A 35 27.65 0.43 -11.82
CA GLU A 35 27.73 -0.22 -10.52
C GLU A 35 26.35 -0.59 -9.98
N TYR A 36 25.33 0.12 -10.41
CA TYR A 36 23.99 -0.18 -9.93
C TYR A 36 23.31 -1.29 -10.75
N GLU A 37 23.53 -1.27 -12.06
CA GLU A 37 22.93 -2.25 -12.94
C GLU A 37 23.55 -3.65 -12.74
N ALA A 38 24.78 -3.68 -12.27
CA ALA A 38 25.47 -4.94 -12.01
C ALA A 38 25.59 -5.12 -10.51
N ALA A 39 24.44 -5.28 -9.84
CA ALA A 39 24.47 -5.46 -8.39
C ALA A 39 23.29 -6.30 -7.88
N VAL A 40 23.56 -7.14 -6.90
CA VAL A 40 22.54 -7.99 -6.31
C VAL A 40 21.43 -7.09 -5.72
N GLU A 41 20.24 -7.65 -5.56
CA GLU A 41 19.11 -6.90 -5.01
C GLU A 41 19.44 -6.12 -3.72
N PRO A 42 20.06 -6.78 -2.73
CA PRO A 42 20.38 -6.06 -1.50
C PRO A 42 21.38 -4.92 -1.69
N LEU A 43 22.33 -5.10 -2.60
CA LEU A 43 23.33 -4.07 -2.86
C LEU A 43 22.68 -2.79 -3.38
N ARG A 44 21.66 -2.93 -4.23
CA ARG A 44 20.96 -1.79 -4.78
C ARG A 44 20.15 -1.10 -3.70
N GLN A 45 19.44 -1.89 -2.89
CA GLN A 45 18.63 -1.34 -1.81
C GLN A 45 19.52 -0.50 -0.89
N ALA A 46 20.78 -0.90 -0.82
CA ALA A 46 21.76 -0.20 0.01
C ALA A 46 22.22 1.07 -0.71
N MET A 47 22.43 0.97 -2.03
CA MET A 47 22.86 2.13 -2.80
C MET A 47 21.76 3.20 -2.77
N LEU A 48 20.51 2.75 -2.67
CA LEU A 48 19.35 3.63 -2.61
C LEU A 48 19.34 4.34 -1.25
N GLY A 49 19.91 3.67 -0.24
CA GLY A 49 20.00 4.24 1.10
C GLY A 49 21.01 5.38 1.11
N VAL A 50 22.05 5.24 0.30
CA VAL A 50 23.09 6.26 0.16
C VAL A 50 22.48 7.44 -0.58
N LEU A 51 21.73 7.14 -1.65
CA LEU A 51 21.09 8.18 -2.45
C LEU A 51 20.15 9.04 -1.63
N ALA A 52 19.32 8.43 -0.78
CA ALA A 52 18.38 9.20 0.04
C ALA A 52 19.13 9.94 1.15
N GLU A 53 20.35 9.50 1.42
CA GLU A 53 21.19 10.12 2.44
C GLU A 53 21.71 11.43 1.85
N VAL A 54 22.26 11.32 0.64
CA VAL A 54 22.80 12.46 -0.09
C VAL A 54 21.70 13.46 -0.45
N ALA A 55 20.53 12.97 -0.85
CA ALA A 55 19.44 13.86 -1.25
C ALA A 55 18.84 14.67 -0.11
N ALA A 56 19.00 14.21 1.12
CA ALA A 56 18.42 14.90 2.26
C ALA A 56 19.23 16.09 2.77
N VAL A 57 20.51 16.15 2.44
CA VAL A 57 21.34 17.24 2.92
C VAL A 57 22.12 18.03 1.86
N ARG A 58 22.77 19.10 2.31
CA ARG A 58 23.61 19.94 1.46
C ARG A 58 25.05 19.77 1.93
N ASP A 59 25.97 19.71 0.98
CA ASP A 59 27.38 19.53 1.27
C ASP A 59 28.05 20.85 1.65
N ALA A 66 21.80 31.05 4.39
CA ALA A 66 21.34 29.67 4.36
C ALA A 66 19.98 29.57 5.06
N THR A 67 19.01 30.30 4.54
CA THR A 67 17.68 30.30 5.12
C THR A 67 16.99 28.94 4.99
N ALA A 68 15.87 28.78 5.70
CA ALA A 68 15.11 27.53 5.67
C ALA A 68 14.43 27.35 4.31
N SER A 69 13.94 28.44 3.75
CA SER A 69 13.27 28.41 2.45
C SER A 69 14.31 28.10 1.37
N GLY A 70 15.54 28.57 1.61
CA GLY A 70 16.64 28.36 0.68
C GLY A 70 17.19 26.95 0.72
N LEU A 71 16.96 26.25 1.84
CA LEU A 71 17.43 24.88 1.99
C LEU A 71 16.52 23.97 1.18
N SER A 72 15.21 24.10 1.42
CA SER A 72 14.22 23.30 0.69
C SER A 72 14.41 23.43 -0.82
N GLN A 73 14.61 24.67 -1.28
CA GLN A 73 14.80 24.95 -2.70
C GLN A 73 16.11 24.33 -3.23
N ALA A 74 17.17 24.46 -2.44
CA ALA A 74 18.47 23.92 -2.81
C ALA A 74 18.43 22.40 -2.86
N LEU A 75 17.62 21.80 -1.99
CA LEU A 75 17.49 20.37 -1.93
C LEU A 75 16.64 19.90 -3.11
N SER A 76 15.62 20.68 -3.45
CA SER A 76 14.76 20.34 -4.58
C SER A 76 15.57 20.45 -5.87
N ASN A 77 16.30 21.57 -6.01
CA ASN A 77 17.11 21.82 -7.20
C ASN A 77 18.23 20.79 -7.44
N ALA A 78 18.74 20.18 -6.37
CA ALA A 78 19.81 19.21 -6.53
C ALA A 78 19.26 17.85 -6.96
N ARG A 79 18.12 17.46 -6.42
CA ARG A 79 17.49 16.20 -6.78
C ARG A 79 17.11 16.29 -8.25
N ILE A 80 16.54 17.42 -8.65
CA ILE A 80 16.12 17.62 -10.03
C ILE A 80 17.34 17.61 -10.95
N ARG A 81 18.42 18.23 -10.51
CA ARG A 81 19.67 18.29 -11.25
C ARG A 81 20.22 16.87 -11.41
N PHE A 82 20.06 16.06 -10.36
CA PHE A 82 20.53 14.68 -10.37
C PHE A 82 19.86 13.85 -11.46
N PHE A 83 18.55 14.03 -11.61
CA PHE A 83 17.81 13.28 -12.61
C PHE A 83 18.04 13.82 -14.01
N LYS A 84 18.12 15.16 -14.13
CA LYS A 84 18.35 15.79 -15.43
C LYS A 84 19.66 15.29 -16.00
N ARG A 85 20.68 15.16 -15.16
CA ARG A 85 21.98 14.70 -15.62
C ARG A 85 21.90 13.28 -16.16
N PHE A 86 21.12 12.42 -15.51
CA PHE A 86 20.99 11.04 -15.96
C PHE A 86 20.15 10.91 -17.24
N ALA A 87 19.14 11.75 -17.36
CA ALA A 87 18.27 11.70 -18.53
C ALA A 87 19.01 12.21 -19.77
N ALA A 88 20.16 12.84 -19.55
CA ALA A 88 20.94 13.39 -20.65
C ALA A 88 22.02 12.49 -21.20
N LEU A 89 22.42 11.47 -20.44
CA LEU A 89 23.45 10.54 -20.89
C LEU A 89 22.91 9.67 -22.04
N HIS A 90 23.40 9.91 -23.26
CA HIS A 90 22.98 9.11 -24.41
C HIS A 90 24.00 8.02 -24.69
N GLY A 94 25.29 1.66 -21.83
CA GLY A 94 25.10 0.58 -20.88
C GLY A 94 24.20 -0.50 -21.42
N ASN A 95 23.59 -1.30 -20.54
CA ASN A 95 22.69 -2.37 -20.97
C ASN A 95 21.27 -1.86 -21.25
N SER A 96 20.90 -0.77 -20.57
CA SER A 96 19.59 -0.16 -20.77
C SER A 96 19.74 0.78 -21.98
N ALA A 97 18.63 1.14 -22.61
CA ALA A 97 18.65 2.02 -23.79
C ALA A 97 19.50 3.28 -23.65
N CYS A 98 19.43 3.94 -22.49
CA CYS A 98 20.19 5.15 -22.23
C CYS A 98 20.00 5.65 -20.80
N GLY A 99 20.40 6.89 -20.57
CA GLY A 99 20.27 7.47 -19.24
C GLY A 99 18.81 7.59 -18.82
N LEU A 100 17.98 8.02 -19.76
CA LEU A 100 16.55 8.18 -19.53
C LEU A 100 15.92 6.83 -19.16
N HIS A 101 16.31 5.79 -19.89
CA HIS A 101 15.79 4.45 -19.65
C HIS A 101 16.16 3.94 -18.25
N PHE A 102 17.44 4.07 -17.92
CA PHE A 102 17.93 3.66 -16.61
C PHE A 102 17.04 4.27 -15.53
N LEU A 103 16.83 5.58 -15.65
CA LEU A 103 16.01 6.32 -14.73
C LEU A 103 14.65 5.67 -14.52
N ILE A 104 14.15 5.00 -15.57
CA ILE A 104 12.85 4.33 -15.48
C ILE A 104 12.96 3.11 -14.56
N GLN A 105 14.03 2.35 -14.70
CA GLN A 105 14.21 1.17 -13.86
C GLN A 105 14.51 1.60 -12.44
N LEU A 106 15.29 2.67 -12.29
CA LEU A 106 15.64 3.19 -10.98
C LEU A 106 14.37 3.54 -10.20
N ARG A 107 13.40 4.15 -10.87
CA ARG A 107 12.16 4.50 -10.18
C ARG A 107 11.34 3.24 -9.89
N ALA A 108 11.60 2.18 -10.65
CA ALA A 108 10.90 0.92 -10.45
C ALA A 108 11.28 0.37 -9.08
N ASP A 109 12.56 0.46 -8.75
CA ASP A 109 13.07 0.01 -7.47
C ASP A 109 12.62 0.93 -6.34
N MET A 110 12.77 2.23 -6.53
CA MET A 110 12.35 3.20 -5.52
C MET A 110 10.90 2.95 -5.12
N LEU A 111 10.09 2.59 -6.12
CA LEU A 111 8.67 2.35 -5.92
C LEU A 111 8.32 1.08 -5.17
N ARG A 112 9.05 0.00 -5.44
CA ARG A 112 8.75 -1.25 -4.76
C ARG A 112 9.44 -1.37 -3.41
N TRP A 113 10.51 -0.62 -3.21
CA TRP A 113 11.22 -0.67 -1.96
C TRP A 113 10.95 0.48 -1.00
N HIS A 114 10.03 1.37 -1.35
CA HIS A 114 9.69 2.51 -0.49
C HIS A 114 9.53 2.12 0.98
N LYS A 115 8.81 1.03 1.24
CA LYS A 115 8.59 0.59 2.62
C LYS A 115 9.87 0.10 3.31
N ARG A 116 10.82 -0.40 2.52
CA ARG A 116 12.07 -0.89 3.08
C ARG A 116 13.11 0.22 3.23
N ILE A 117 13.29 1.00 2.17
CA ILE A 117 14.26 2.08 2.16
C ILE A 117 13.57 3.44 2.29
N PRO A 118 13.47 3.97 3.52
CA PRO A 118 12.82 5.26 3.74
C PRO A 118 13.68 6.40 3.21
N GLY A 119 13.06 7.55 2.99
CA GLY A 119 13.78 8.71 2.49
C GLY A 119 13.82 8.87 0.98
N LEU A 120 13.02 8.11 0.24
CA LEU A 120 13.01 8.21 -1.22
C LEU A 120 11.76 8.95 -1.72
N ARG A 121 10.83 9.22 -0.82
CA ARG A 121 9.60 9.93 -1.16
C ARG A 121 9.80 11.19 -2.01
N GLU A 122 10.77 12.02 -1.63
CA GLU A 122 11.02 13.27 -2.36
C GLU A 122 11.65 12.99 -3.73
N LEU A 123 12.57 12.04 -3.79
CA LEU A 123 13.23 11.67 -5.05
C LEU A 123 12.17 11.09 -6.00
N ASP A 124 11.30 10.24 -5.45
CA ASP A 124 10.24 9.63 -6.23
C ASP A 124 9.28 10.69 -6.77
N GLU A 125 8.86 11.61 -5.92
CA GLU A 125 7.93 12.65 -6.35
C GLU A 125 8.53 13.53 -7.45
N ASP A 126 9.78 13.96 -7.25
CA ASP A 126 10.45 14.79 -8.23
C ASP A 126 10.57 14.06 -9.58
N LEU A 127 11.13 12.85 -9.58
CA LEU A 127 11.26 12.10 -10.81
C LEU A 127 9.90 11.88 -11.50
N GLU A 128 8.90 11.49 -10.73
CA GLU A 128 7.59 11.29 -11.32
C GLU A 128 7.14 12.54 -12.08
N ALA A 129 7.44 13.71 -11.52
CA ALA A 129 7.08 14.99 -12.14
C ALA A 129 7.91 15.27 -13.39
N LEU A 130 9.17 14.88 -13.37
CA LEU A 130 10.02 15.07 -14.53
C LEU A 130 9.53 14.13 -15.62
N PHE A 131 9.23 12.89 -15.24
CA PHE A 131 8.75 11.87 -16.16
C PHE A 131 7.46 12.28 -16.86
N SER A 132 6.72 13.22 -16.26
CA SER A 132 5.47 13.68 -16.87
C SER A 132 5.76 14.65 -18.02
N ASN A 133 6.88 15.36 -17.93
CA ASN A 133 7.25 16.29 -18.99
C ASN A 133 7.97 15.52 -20.11
N TRP A 134 8.93 14.67 -19.72
CA TRP A 134 9.71 13.89 -20.66
C TRP A 134 8.95 12.86 -21.48
N PHE A 135 7.92 12.25 -20.88
CA PHE A 135 7.14 11.25 -21.59
C PHE A 135 5.75 11.73 -21.92
N ASP A 136 5.58 13.05 -22.03
CA ASP A 136 4.27 13.57 -22.38
C ASP A 136 3.97 12.97 -23.77
N VAL A 137 2.72 12.63 -24.02
CA VAL A 137 2.28 12.05 -25.29
C VAL A 137 2.78 12.85 -26.50
N GLY A 138 2.82 14.16 -26.36
CA GLY A 138 3.26 15.00 -27.45
C GLY A 138 4.70 14.73 -27.86
N LEU A 139 5.44 14.02 -27.02
CA LEU A 139 6.85 13.70 -27.31
C LEU A 139 7.06 12.24 -27.63
N LEU A 140 5.98 11.47 -27.56
CA LEU A 140 6.06 10.04 -27.83
C LEU A 140 5.63 9.70 -29.25
N GLU A 141 6.18 8.62 -29.79
CA GLU A 141 5.80 8.21 -31.12
C GLU A 141 4.82 7.05 -31.01
N LEU A 142 3.81 7.05 -31.87
CA LEU A 142 2.80 5.99 -31.87
C LEU A 142 3.16 4.91 -32.90
N GLN A 143 3.05 3.65 -32.52
CA GLN A 143 3.36 2.54 -33.43
C GLN A 143 2.30 1.46 -33.38
N PRO A 144 1.94 0.90 -34.55
CA PRO A 144 0.92 -0.14 -34.61
C PRO A 144 1.54 -1.44 -34.13
N ILE A 145 0.77 -2.24 -33.41
CA ILE A 145 1.27 -3.51 -32.93
C ILE A 145 0.43 -4.61 -33.54
N THR A 146 1.07 -5.56 -34.22
CA THR A 146 0.36 -6.67 -34.85
C THR A 146 0.98 -8.00 -34.47
N TRP A 147 0.42 -9.09 -34.96
CA TRP A 147 0.94 -10.41 -34.68
C TRP A 147 2.29 -10.61 -35.42
N ASP A 148 2.65 -9.64 -36.26
CA ASP A 148 3.91 -9.68 -37.00
C ASP A 148 5.04 -8.96 -36.25
N SER A 149 4.69 -8.23 -35.19
CA SER A 149 5.70 -7.53 -34.42
C SER A 149 6.66 -8.53 -33.79
N PRO A 150 7.88 -8.08 -33.45
CA PRO A 150 8.90 -8.92 -32.84
C PRO A 150 8.36 -9.59 -31.56
N ALA A 151 8.67 -10.87 -31.40
CA ALA A 151 8.24 -11.60 -30.22
C ALA A 151 8.82 -10.93 -28.97
N SER A 152 10.07 -10.46 -29.08
CA SER A 152 10.73 -9.81 -27.97
C SER A 152 10.01 -8.55 -27.52
N LEU A 153 9.18 -7.99 -28.39
CA LEU A 153 8.43 -6.78 -28.06
C LEU A 153 7.07 -7.20 -27.52
N LEU A 154 6.47 -8.16 -28.20
CA LEU A 154 5.17 -8.68 -27.83
C LEU A 154 5.18 -9.25 -26.43
N GLU A 155 6.35 -9.70 -25.97
CA GLU A 155 6.46 -10.29 -24.64
C GLU A 155 6.59 -9.24 -23.54
N LYS A 156 6.43 -7.97 -23.90
CA LYS A 156 6.52 -6.90 -22.92
C LYS A 156 5.12 -6.39 -22.65
N LEU A 157 4.17 -6.85 -23.46
CA LEU A 157 2.77 -6.47 -23.31
C LEU A 157 2.01 -7.56 -22.56
N ILE A 158 2.58 -8.75 -22.51
CA ILE A 158 1.96 -9.86 -21.80
C ILE A 158 2.23 -9.65 -20.33
N ARG A 159 3.45 -9.25 -20.01
CA ARG A 159 3.87 -9.02 -18.64
C ARG A 159 3.13 -7.84 -18.01
N TYR A 160 2.75 -6.87 -18.82
CA TYR A 160 2.02 -5.70 -18.33
C TYR A 160 0.67 -5.55 -19.01
N TRP A 169 -0.72 -16.87 -25.29
CA TRP A 169 -0.40 -15.93 -26.34
C TRP A 169 -1.55 -15.82 -27.35
N THR A 170 -2.45 -16.80 -27.34
CA THR A 170 -3.58 -16.81 -28.26
C THR A 170 -4.54 -15.66 -27.95
N ASP A 171 -4.43 -15.15 -26.73
CA ASP A 171 -5.26 -14.04 -26.30
C ASP A 171 -4.71 -12.81 -27.05
N LEU A 172 -3.39 -12.69 -27.07
CA LEU A 172 -2.76 -11.57 -27.76
C LEU A 172 -3.23 -11.61 -29.21
N ARG A 173 -3.20 -12.81 -29.77
CA ARG A 173 -3.63 -13.05 -31.14
C ARG A 173 -4.96 -12.40 -31.50
N ASN A 174 -6.04 -12.82 -30.84
CA ASN A 174 -7.37 -12.27 -31.12
C ASN A 174 -7.38 -10.75 -30.94
N ARG A 175 -6.70 -10.26 -29.91
CA ARG A 175 -6.64 -8.83 -29.65
C ARG A 175 -5.87 -8.15 -30.77
N LEU A 176 -4.98 -8.90 -31.41
CA LEU A 176 -4.16 -8.42 -32.53
C LEU A 176 -4.70 -8.98 -33.84
N ASP A 177 -6.01 -8.95 -34.03
CA ASP A 177 -6.61 -9.50 -35.24
C ASP A 177 -7.31 -8.46 -36.12
N SER A 178 -7.62 -8.88 -37.35
CA SER A 178 -8.27 -8.05 -38.35
C SER A 178 -9.31 -7.06 -37.82
N ASP A 179 -10.23 -7.55 -36.99
CA ASP A 179 -11.30 -6.72 -36.43
C ASP A 179 -10.84 -6.00 -35.16
N ARG A 180 -9.52 -5.95 -34.98
CA ARG A 180 -8.91 -5.32 -33.80
C ARG A 180 -7.72 -4.45 -34.24
N ARG A 181 -7.36 -3.48 -33.42
CA ARG A 181 -6.24 -2.59 -33.72
C ARG A 181 -5.54 -2.21 -32.41
N CYS A 182 -4.24 -2.49 -32.32
CA CYS A 182 -3.48 -2.17 -31.12
C CYS A 182 -2.26 -1.32 -31.38
N TYR A 183 -2.00 -0.40 -30.46
CA TYR A 183 -0.86 0.49 -30.58
C TYR A 183 -0.05 0.55 -29.30
N ALA A 184 1.12 1.18 -29.38
CA ALA A 184 2.00 1.35 -28.26
C ALA A 184 2.76 2.65 -28.45
N PHE A 185 2.89 3.44 -27.39
CA PHE A 185 3.63 4.69 -27.44
C PHE A 185 5.05 4.36 -26.95
N PHE A 186 6.05 4.88 -27.65
CA PHE A 186 7.45 4.66 -27.31
C PHE A 186 8.11 6.01 -27.26
N HIS A 187 9.16 6.13 -26.47
CA HIS A 187 9.92 7.37 -26.43
C HIS A 187 10.87 7.16 -27.60
N PRO A 188 11.08 8.19 -28.44
CA PRO A 188 11.97 8.02 -29.59
C PRO A 188 13.37 7.47 -29.30
N ARG A 189 13.92 7.77 -28.11
CA ARG A 189 15.25 7.28 -27.81
C ARG A 189 15.27 6.02 -26.96
N ILE A 190 14.12 5.35 -26.86
CA ILE A 190 14.03 4.10 -26.12
C ILE A 190 13.15 3.15 -26.91
N PRO A 191 13.55 2.83 -28.14
CA PRO A 191 12.71 1.90 -28.92
C PRO A 191 12.79 0.56 -28.20
N ARG A 192 11.93 -0.38 -28.53
CA ARG A 192 11.95 -1.69 -27.87
C ARG A 192 11.19 -1.69 -26.56
N GLU A 193 11.07 -0.52 -25.96
CA GLU A 193 10.39 -0.43 -24.68
C GLU A 193 9.05 0.29 -24.77
N PRO A 194 7.97 -0.46 -24.97
CA PRO A 194 6.66 0.17 -25.06
C PRO A 194 6.31 0.88 -23.75
N LEU A 195 5.72 2.07 -23.84
CA LEU A 195 5.35 2.82 -22.65
C LEU A 195 3.87 2.64 -22.34
N ILE A 196 3.03 2.74 -23.35
CA ILE A 196 1.59 2.61 -23.20
C ILE A 196 1.03 1.69 -24.28
N PHE A 197 0.07 0.84 -23.90
CA PHE A 197 -0.54 -0.12 -24.82
C PHE A 197 -2.04 0.15 -24.93
N VAL A 198 -2.48 0.45 -26.14
CA VAL A 198 -3.89 0.73 -26.39
C VAL A 198 -4.48 -0.38 -27.24
N GLU A 199 -5.61 -0.91 -26.78
CA GLU A 199 -6.30 -1.98 -27.47
C GLU A 199 -7.64 -1.44 -27.95
N VAL A 200 -7.93 -1.68 -29.23
CA VAL A 200 -9.16 -1.18 -29.83
C VAL A 200 -9.93 -2.27 -30.56
N ALA A 201 -11.25 -2.19 -30.48
CA ALA A 201 -12.08 -3.18 -31.14
C ALA A 201 -13.06 -2.48 -32.06
N PHE A 202 -13.43 -3.17 -33.13
CA PHE A 202 -14.38 -2.63 -34.10
C PHE A 202 -15.63 -3.49 -34.02
N VAL A 203 -16.77 -2.85 -33.80
CA VAL A 203 -18.03 -3.54 -33.64
C VAL A 203 -19.16 -2.63 -34.17
N PRO A 204 -20.32 -3.22 -34.51
CA PRO A 204 -21.46 -2.45 -35.02
C PRO A 204 -22.16 -1.52 -34.03
N GLU A 205 -22.15 -1.89 -32.75
CA GLU A 205 -22.80 -1.08 -31.72
C GLU A 205 -21.86 -0.73 -30.57
N MET A 206 -22.01 0.45 -29.97
CA MET A 206 -21.17 0.84 -28.85
C MET A 206 -21.33 -0.31 -27.84
N ALA A 207 -20.24 -1.03 -27.57
CA ALA A 207 -20.27 -2.19 -26.68
C ALA A 207 -20.80 -1.97 -25.27
N ALA A 208 -21.56 -2.95 -24.80
CA ALA A 208 -22.17 -2.90 -23.47
C ALA A 208 -21.79 -4.10 -22.60
N ASN A 209 -20.99 -5.01 -23.15
CA ASN A 209 -20.55 -6.19 -22.41
C ASN A 209 -19.13 -6.57 -22.81
N VAL A 210 -18.18 -6.39 -21.90
CA VAL A 210 -16.77 -6.67 -22.17
C VAL A 210 -16.43 -8.08 -22.61
N GLN A 211 -17.14 -9.07 -22.09
CA GLN A 211 -16.87 -10.45 -22.47
C GLN A 211 -17.04 -10.68 -23.98
N ALA A 212 -17.81 -9.80 -24.63
CA ALA A 212 -18.04 -9.90 -26.09
C ALA A 212 -16.76 -9.52 -26.86
N LEU A 213 -16.20 -8.37 -26.52
CA LEU A 213 -14.97 -7.86 -27.13
C LEU A 213 -13.81 -8.83 -27.02
N LEU A 214 -13.44 -9.19 -25.80
CA LEU A 214 -12.34 -10.10 -25.57
C LEU A 214 -12.67 -11.50 -26.11
N ASP A 215 -13.82 -11.59 -26.78
CA ASP A 215 -14.27 -12.84 -27.39
C ASP A 215 -14.82 -12.59 -28.79
N LEU A 223 -14.66 -6.07 -40.60
CA LEU A 223 -14.45 -4.67 -41.00
C LEU A 223 -15.42 -4.29 -42.12
N ARG A 224 -16.37 -5.18 -42.39
CA ARG A 224 -17.36 -4.97 -43.45
C ARG A 224 -18.33 -3.82 -43.21
N ARG A 225 -19.10 -3.94 -42.14
CA ARG A 225 -20.09 -2.92 -41.81
C ARG A 225 -19.99 -2.46 -40.35
N VAL A 226 -18.76 -2.38 -39.85
CA VAL A 226 -18.55 -1.94 -38.48
C VAL A 226 -18.47 -0.41 -38.44
N LYS A 227 -19.08 0.18 -37.42
CA LYS A 227 -19.08 1.63 -37.31
C LYS A 227 -18.51 2.11 -35.99
N TRP A 228 -18.31 1.20 -35.04
CA TRP A 228 -17.77 1.60 -33.74
C TRP A 228 -16.35 1.19 -33.44
N ALA A 229 -15.59 2.17 -32.99
CA ALA A 229 -14.20 1.97 -32.59
C ALA A 229 -14.26 2.11 -31.07
N ILE A 230 -13.93 1.05 -30.35
CA ILE A 230 -13.97 1.14 -28.89
C ILE A 230 -12.66 0.72 -28.22
N PHE A 231 -12.19 1.57 -27.31
CA PHE A 231 -10.98 1.29 -26.57
C PHE A 231 -11.37 0.44 -25.36
N TYR A 232 -10.98 -0.82 -25.34
CA TYR A 232 -11.33 -1.68 -24.22
C TYR A 232 -10.15 -1.93 -23.29
N SER A 233 -9.02 -1.27 -23.58
CA SER A 233 -7.84 -1.42 -22.75
C SER A 233 -6.73 -0.43 -23.08
N ILE A 234 -6.21 0.20 -22.03
CA ILE A 234 -5.13 1.16 -22.12
C ILE A 234 -4.27 0.88 -20.91
N SER A 235 -3.07 0.36 -21.12
CA SER A 235 -2.24 0.07 -19.97
C SER A 235 -0.81 0.59 -20.04
N ASN A 236 -0.32 0.97 -18.86
CA ASN A 236 1.01 1.49 -18.66
C ASN A 236 1.88 0.25 -18.55
N THR A 237 2.85 0.11 -19.43
CA THR A 237 3.72 -1.06 -19.45
C THR A 237 5.11 -0.87 -18.85
N GLN A 238 5.25 0.13 -17.98
CA GLN A 238 6.52 0.41 -17.31
C GLN A 238 6.27 0.66 -15.82
N ALA A 239 6.85 -0.18 -14.97
CA ALA A 239 6.69 -0.05 -13.53
C ALA A 239 7.23 1.28 -13.04
N GLY A 240 8.37 1.69 -13.60
CA GLY A 240 8.99 2.94 -13.21
C GLY A 240 8.18 4.16 -13.58
N LEU A 241 7.12 3.98 -14.38
CA LEU A 241 6.29 5.09 -14.81
C LEU A 241 4.93 5.12 -14.13
N ARG A 242 4.70 4.19 -13.19
CA ARG A 242 3.44 4.13 -12.47
C ARG A 242 3.15 5.48 -11.83
N GLY A 243 1.98 6.03 -12.11
CA GLY A 243 1.64 7.30 -11.52
C GLY A 243 2.01 8.52 -12.36
N VAL A 244 2.72 8.33 -13.46
CA VAL A 244 3.09 9.49 -14.28
C VAL A 244 1.97 9.87 -15.24
N SER A 245 1.77 11.17 -15.40
CA SER A 245 0.75 11.72 -16.29
C SER A 245 1.30 11.90 -17.71
N PHE A 246 0.64 11.29 -18.68
CA PHE A 246 1.06 11.37 -20.07
C PHE A 246 0.39 12.46 -20.91
N GLY A 247 -0.42 13.30 -20.29
CA GLY A 247 -1.08 14.36 -21.03
C GLY A 247 -2.55 14.09 -21.27
N ASN A 248 -3.25 15.03 -21.90
CA ASN A 248 -4.68 14.89 -22.17
C ASN A 248 -4.98 14.58 -23.63
N PHE A 249 -3.94 14.36 -24.43
CA PHE A 249 -4.12 14.12 -25.85
C PHE A 249 -3.76 12.71 -26.25
N LEU A 250 -3.69 11.84 -25.25
CA LEU A 250 -3.34 10.46 -25.45
C LEU A 250 -4.29 9.75 -26.41
N LEU A 251 -5.58 9.73 -26.12
CA LEU A 251 -6.51 9.06 -27.01
C LEU A 251 -6.81 9.86 -28.26
N LYS A 252 -6.73 11.19 -28.14
CA LYS A 252 -6.96 12.09 -29.25
C LYS A 252 -6.00 11.70 -30.39
N ARG A 253 -4.77 11.41 -30.00
CA ARG A 253 -3.69 11.01 -30.89
C ARG A 253 -3.97 9.67 -31.58
N VAL A 254 -4.54 8.74 -30.81
CA VAL A 254 -4.88 7.42 -31.32
C VAL A 254 -6.05 7.48 -32.31
N ILE A 255 -6.99 8.39 -32.04
CA ILE A 255 -8.15 8.54 -32.91
C ILE A 255 -7.71 9.14 -34.25
N GLU A 256 -6.72 10.03 -34.20
CA GLU A 256 -6.22 10.64 -35.41
C GLU A 256 -5.62 9.52 -36.26
N GLU A 257 -4.92 8.60 -35.61
CA GLU A 257 -4.32 7.48 -36.31
C GLU A 257 -5.40 6.58 -36.86
N LEU A 258 -6.50 6.46 -36.13
CA LEU A 258 -7.58 5.61 -36.58
C LEU A 258 -8.33 6.23 -37.73
N GLN A 259 -8.42 7.56 -37.74
CA GLN A 259 -9.12 8.25 -38.82
C GLN A 259 -8.26 8.28 -40.07
N ARG A 260 -6.95 8.42 -39.91
CA ARG A 260 -6.03 8.42 -41.04
C ARG A 260 -6.20 7.06 -41.72
N GLU A 261 -6.17 6.01 -40.91
CA GLU A 261 -6.29 4.63 -41.33
C GLU A 261 -7.67 4.31 -41.94
N HIS A 262 -8.72 4.82 -41.30
CA HIS A 262 -10.09 4.62 -41.75
C HIS A 262 -10.85 5.93 -41.65
N PRO A 263 -10.79 6.78 -42.70
CA PRO A 263 -11.48 8.06 -42.69
C PRO A 263 -12.99 7.95 -42.47
N LYS A 264 -13.53 6.74 -42.59
CA LYS A 264 -14.95 6.50 -42.41
C LYS A 264 -15.36 6.37 -40.93
N LEU A 265 -14.39 6.14 -40.04
CA LEU A 265 -14.69 6.00 -38.62
C LEU A 265 -14.99 7.32 -37.95
N LYS A 266 -16.18 7.42 -37.37
CA LYS A 266 -16.62 8.65 -36.71
C LYS A 266 -17.08 8.39 -35.27
N GLN A 267 -17.33 7.13 -34.94
CA GLN A 267 -17.80 6.74 -33.62
C GLN A 267 -16.69 6.18 -32.73
N PHE A 268 -16.34 6.91 -31.67
CA PHE A 268 -15.28 6.49 -30.73
C PHE A 268 -15.73 6.48 -29.27
N ALA A 269 -15.57 5.33 -28.61
CA ALA A 269 -15.93 5.19 -27.21
C ALA A 269 -15.13 4.07 -26.54
N THR A 270 -15.19 4.01 -25.20
CA THR A 270 -14.49 2.97 -24.46
C THR A 270 -15.52 2.12 -23.74
N LEU A 271 -15.07 0.97 -23.25
CA LEU A 271 -15.91 0.11 -22.42
C LEU A 271 -14.96 -0.11 -21.25
N SER A 272 -14.96 0.86 -20.34
CA SER A 272 -14.10 0.87 -19.17
C SER A 272 -14.69 0.30 -17.88
N PRO A 273 -13.80 -0.11 -16.96
CA PRO A 273 -14.23 -0.68 -15.68
C PRO A 273 -14.33 0.50 -14.71
N ILE A 274 -14.86 0.23 -13.52
CA ILE A 274 -15.01 1.24 -12.48
C ILE A 274 -14.47 0.45 -11.30
N PRO A 275 -13.13 0.31 -11.24
CA PRO A 275 -12.39 -0.43 -10.22
C PRO A 275 -12.61 -0.04 -8.75
N GLY A 276 -12.65 1.25 -8.46
CA GLY A 276 -12.83 1.68 -7.09
C GLY A 276 -14.26 1.93 -6.62
N PHE A 277 -15.23 1.28 -7.24
CA PHE A 277 -16.63 1.48 -6.88
C PHE A 277 -16.98 0.81 -5.55
N ALA A 278 -16.66 -0.47 -5.44
CA ALA A 278 -16.96 -1.23 -4.24
C ALA A 278 -16.28 -0.72 -2.99
N ASP A 279 -15.00 -0.37 -3.11
CA ASP A 279 -14.23 0.13 -1.97
C ASP A 279 -14.72 1.49 -1.51
N TRP A 280 -15.32 2.25 -2.41
CA TRP A 280 -15.86 3.56 -2.06
C TRP A 280 -17.20 3.35 -1.33
N LEU A 281 -18.05 2.52 -1.93
CA LEU A 281 -19.38 2.27 -1.40
C LEU A 281 -19.36 1.76 0.03
N ARG A 282 -18.52 0.77 0.32
CA ARG A 282 -18.48 0.25 1.67
C ARG A 282 -17.89 1.20 2.71
N LYS A 283 -17.46 2.38 2.27
CA LYS A 283 -16.92 3.36 3.21
C LYS A 283 -17.94 4.46 3.52
N ARG A 284 -19.13 4.35 2.91
CA ARG A 284 -20.18 5.34 3.10
C ARG A 284 -21.18 4.87 4.14
N ASP A 285 -21.72 5.82 4.91
CA ASP A 285 -22.72 5.46 5.90
C ASP A 285 -24.10 5.50 5.22
N GLY A 286 -25.13 5.10 5.94
CA GLY A 286 -26.47 5.08 5.37
C GLY A 286 -26.93 6.44 4.87
N GLU A 287 -26.71 7.45 5.71
CA GLU A 287 -27.09 8.83 5.45
C GLU A 287 -26.62 9.34 4.08
N SER A 288 -25.35 9.14 3.74
CA SER A 288 -24.83 9.60 2.46
C SER A 288 -25.51 8.93 1.26
N ILE A 289 -25.81 7.64 1.37
CA ILE A 289 -26.45 6.95 0.26
C ILE A 289 -27.91 7.40 0.11
N ASP A 290 -28.57 7.74 1.22
CA ASP A 290 -29.95 8.21 1.15
C ASP A 290 -29.97 9.50 0.36
N ARG A 291 -28.94 10.32 0.58
CA ARG A 291 -28.82 11.61 -0.12
C ARG A 291 -28.55 11.40 -1.62
N VAL A 292 -27.78 10.37 -1.96
CA VAL A 292 -27.49 10.06 -3.36
C VAL A 292 -28.75 9.54 -4.08
N LEU A 293 -29.38 8.49 -3.53
CA LEU A 293 -30.55 7.89 -4.15
C LEU A 293 -31.79 8.77 -4.28
N GLY A 294 -32.07 9.56 -3.26
CA GLY A 294 -33.25 10.40 -3.31
C GLY A 294 -34.45 9.66 -2.74
N VAL A 295 -35.46 10.42 -2.32
CA VAL A 295 -36.68 9.88 -1.72
C VAL A 295 -37.45 8.88 -2.61
N LYS A 296 -37.60 9.21 -3.88
CA LYS A 296 -38.32 8.33 -4.79
C LYS A 296 -37.61 6.97 -4.95
N ARG A 297 -36.30 6.98 -5.15
CA ARG A 297 -35.56 5.74 -5.31
C ARG A 297 -35.53 4.91 -4.02
N LEU A 298 -35.47 5.59 -2.88
CA LEU A 298 -35.45 4.92 -1.60
C LEU A 298 -36.80 4.22 -1.38
N ALA A 299 -37.87 4.86 -1.87
CA ALA A 299 -39.24 4.35 -1.76
C ALA A 299 -39.45 3.13 -2.68
N ARG A 300 -38.92 3.21 -3.88
CA ARG A 300 -39.03 2.12 -4.83
C ARG A 300 -38.28 0.91 -4.28
N TRP A 301 -37.23 1.15 -3.50
CA TRP A 301 -36.45 0.07 -2.91
C TRP A 301 -37.20 -0.63 -1.77
N ARG A 302 -37.82 0.15 -0.89
CA ARG A 302 -38.56 -0.43 0.22
C ARG A 302 -39.71 -1.25 -0.32
N GLU A 303 -40.39 -0.72 -1.33
CA GLU A 303 -41.52 -1.38 -1.94
C GLU A 303 -41.15 -2.78 -2.51
N GLN A 304 -40.00 -2.88 -3.16
CA GLN A 304 -39.55 -4.14 -3.72
C GLN A 304 -38.73 -5.04 -2.79
N HIS A 305 -37.83 -4.46 -1.98
CA HIS A 305 -36.96 -5.25 -1.11
C HIS A 305 -37.10 -5.07 0.39
N GLY A 306 -37.99 -4.19 0.84
CA GLY A 306 -38.16 -3.98 2.26
C GLY A 306 -37.06 -3.12 2.86
N GLU A 307 -36.43 -3.63 3.91
CA GLU A 307 -35.35 -2.92 4.59
C GLU A 307 -34.31 -2.27 3.70
N VAL A 308 -33.93 -1.05 4.05
CA VAL A 308 -32.90 -0.33 3.33
C VAL A 308 -31.57 -0.75 3.97
N PRO A 309 -30.57 -1.15 3.17
CA PRO A 309 -29.31 -1.54 3.78
C PRO A 309 -28.86 -0.48 4.79
N ALA A 310 -28.35 -0.92 5.93
CA ALA A 310 -27.92 0.00 6.99
C ALA A 310 -26.81 0.98 6.59
N ASP A 311 -25.88 0.53 5.76
CA ASP A 311 -24.78 1.37 5.29
C ASP A 311 -24.21 0.92 3.95
N GLY A 312 -23.17 1.61 3.51
CA GLY A 312 -22.53 1.29 2.24
C GLY A 312 -22.13 -0.16 2.10
N ALA A 313 -21.48 -0.70 3.13
CA ALA A 313 -21.05 -2.09 3.08
C ALA A 313 -22.25 -3.00 2.86
N ALA A 314 -23.33 -2.72 3.58
CA ALA A 314 -24.51 -3.55 3.47
C ALA A 314 -25.14 -3.33 2.09
N TRP A 315 -24.97 -2.13 1.55
CA TRP A 315 -25.52 -1.81 0.24
C TRP A 315 -24.82 -2.67 -0.82
N PHE A 316 -23.50 -2.78 -0.73
CA PHE A 316 -22.76 -3.56 -1.69
C PHE A 316 -23.25 -5.01 -1.68
N SER A 317 -23.47 -5.57 -0.49
CA SER A 317 -23.93 -6.95 -0.38
C SER A 317 -25.34 -7.17 -0.91
N ALA A 318 -26.17 -6.15 -0.79
CA ALA A 318 -27.55 -6.21 -1.26
C ALA A 318 -27.58 -6.08 -2.79
N LEU A 319 -26.67 -5.26 -3.33
CA LEU A 319 -26.60 -5.02 -4.77
C LEU A 319 -25.91 -6.13 -5.57
N SER A 320 -25.36 -7.11 -4.86
CA SER A 320 -24.65 -8.23 -5.49
C SER A 320 -25.47 -9.51 -5.38
N ALA A 321 -26.57 -9.45 -4.63
CA ALA A 321 -27.41 -10.61 -4.37
C ALA A 321 -28.35 -11.09 -5.49
N ASP A 322 -28.58 -10.25 -6.50
CA ASP A 322 -29.47 -10.61 -7.60
C ASP A 322 -29.18 -9.72 -8.80
N THR A 323 -28.54 -10.29 -9.81
CA THR A 323 -28.18 -9.57 -11.02
C THR A 323 -29.37 -9.45 -11.97
N GLU A 324 -30.50 -9.98 -11.56
CA GLU A 324 -31.69 -9.93 -12.41
C GLU A 324 -32.66 -8.82 -12.03
N ASP A 325 -32.78 -8.54 -10.73
CA ASP A 325 -33.71 -7.53 -10.23
C ASP A 325 -33.53 -6.12 -10.83
N THR A 326 -34.62 -5.58 -11.33
CA THR A 326 -34.63 -4.25 -11.94
C THR A 326 -34.39 -3.12 -10.95
N VAL A 327 -34.86 -3.25 -9.71
CA VAL A 327 -34.67 -2.21 -8.71
C VAL A 327 -33.22 -2.18 -8.26
N ILE A 328 -32.63 -3.35 -8.11
CA ILE A 328 -31.23 -3.45 -7.73
C ILE A 328 -30.40 -2.81 -8.85
N ARG A 329 -30.68 -3.20 -10.09
CA ARG A 329 -29.95 -2.66 -11.24
C ARG A 329 -29.97 -1.14 -11.25
N ASP A 330 -31.17 -0.54 -11.22
CA ASP A 330 -31.30 0.91 -11.25
C ASP A 330 -30.63 1.60 -10.05
N THR A 331 -30.77 1.04 -8.86
CA THR A 331 -30.19 1.61 -7.66
C THR A 331 -28.65 1.61 -7.78
N ALA A 332 -28.11 0.48 -8.20
CA ALA A 332 -26.66 0.34 -8.40
C ALA A 332 -26.16 1.30 -9.49
N MET A 333 -26.93 1.44 -10.56
CA MET A 333 -26.53 2.31 -11.65
C MET A 333 -26.50 3.78 -11.25
N THR A 334 -27.46 4.18 -10.41
CA THR A 334 -27.49 5.57 -9.92
C THR A 334 -26.28 5.79 -9.00
N LEU A 335 -26.02 4.83 -8.12
CA LEU A 335 -24.86 4.94 -7.22
C LEU A 335 -23.58 4.99 -8.02
N ALA A 336 -23.51 4.25 -9.12
CA ALA A 336 -22.31 4.21 -9.95
C ALA A 336 -22.10 5.53 -10.69
N ALA A 337 -23.15 6.06 -11.30
CA ALA A 337 -23.05 7.34 -12.00
C ALA A 337 -22.61 8.44 -11.04
N HIS A 338 -23.16 8.41 -9.84
CA HIS A 338 -22.80 9.41 -8.84
C HIS A 338 -21.31 9.26 -8.52
N TYR A 339 -20.89 8.04 -8.23
CA TYR A 339 -19.50 7.76 -7.91
C TYR A 339 -18.51 8.38 -8.90
N LEU A 340 -18.71 8.11 -10.17
CA LEU A 340 -17.78 8.61 -11.17
C LEU A 340 -17.97 10.05 -11.65
N VAL A 341 -19.15 10.61 -11.49
CA VAL A 341 -19.41 11.99 -11.93
C VAL A 341 -19.34 13.06 -10.82
N ARG A 342 -19.83 12.72 -9.63
CA ARG A 342 -19.87 13.67 -8.53
C ARG A 342 -19.02 13.36 -7.29
N GLU A 343 -18.02 12.51 -7.45
CA GLU A 343 -17.13 12.19 -6.33
C GLU A 343 -15.69 12.49 -6.74
N GLY A 344 -15.03 13.36 -5.98
CA GLY A 344 -13.66 13.71 -6.28
C GLY A 344 -13.31 15.11 -5.84
N GLY A 345 -12.01 15.33 -5.59
CA GLY A 345 -11.55 16.62 -5.12
C GLY A 345 -11.55 17.76 -6.13
N LYS A 346 -12.72 18.07 -6.70
CA LYS A 346 -12.87 19.16 -7.66
C LYS A 346 -12.00 19.01 -8.92
N GLY A 347 -12.66 18.75 -10.05
CA GLY A 347 -11.93 18.59 -11.30
C GLY A 347 -11.05 17.36 -11.32
N VAL A 348 -11.16 16.53 -10.29
CA VAL A 348 -10.35 15.32 -10.22
C VAL A 348 -11.15 14.11 -9.76
N PRO A 349 -11.83 13.43 -10.70
CA PRO A 349 -12.64 12.24 -10.42
C PRO A 349 -11.96 11.26 -9.45
N ALA A 350 -12.68 10.86 -8.40
CA ALA A 350 -12.14 9.93 -7.42
C ALA A 350 -11.68 8.68 -8.13
N ASP A 351 -12.48 8.20 -9.08
CA ASP A 351 -12.11 7.01 -9.81
C ASP A 351 -10.89 7.31 -10.69
N PRO A 352 -9.90 6.42 -10.67
CA PRO A 352 -8.68 6.60 -11.47
C PRO A 352 -9.00 6.48 -12.96
N VAL A 353 -9.79 5.46 -13.30
CA VAL A 353 -10.21 5.21 -14.67
C VAL A 353 -11.07 6.36 -15.19
N ALA A 354 -11.90 6.92 -14.33
CA ALA A 354 -12.75 8.02 -14.74
C ALA A 354 -11.88 9.27 -14.88
N ARG A 355 -10.84 9.38 -14.06
CA ARG A 355 -9.95 10.54 -14.10
C ARG A 355 -9.16 10.55 -15.41
N PHE A 356 -8.64 9.40 -15.79
CA PHE A 356 -7.87 9.29 -17.03
C PHE A 356 -8.74 9.71 -18.21
N HIS A 357 -9.78 8.94 -18.48
CA HIS A 357 -10.67 9.24 -19.59
C HIS A 357 -11.35 10.61 -19.53
N LEU A 358 -11.73 11.07 -18.34
CA LEU A 358 -12.34 12.39 -18.23
C LEU A 358 -11.25 13.40 -18.51
N GLY A 359 -10.03 13.04 -18.11
CA GLY A 359 -8.87 13.89 -18.31
C GLY A 359 -8.26 13.80 -19.70
N ASN A 360 -9.06 13.30 -20.65
CA ASN A 360 -8.64 13.16 -22.04
C ASN A 360 -9.71 13.76 -22.95
N GLY A 361 -10.69 14.43 -22.34
CA GLY A 361 -11.76 15.06 -23.11
C GLY A 361 -13.01 14.23 -23.35
N ALA A 362 -13.09 13.06 -22.73
CA ALA A 362 -14.24 12.19 -22.93
C ALA A 362 -15.52 12.63 -22.17
N CYS A 363 -16.64 12.01 -22.57
CA CYS A 363 -17.94 12.26 -21.95
C CYS A 363 -18.45 10.93 -21.36
N VAL A 364 -18.90 10.95 -20.11
CA VAL A 364 -19.44 9.73 -19.52
C VAL A 364 -20.78 9.51 -20.26
N GLU A 365 -20.76 8.59 -21.21
CA GLU A 365 -21.90 8.29 -22.08
C GLU A 365 -22.95 7.32 -21.56
N ARG A 366 -22.54 6.29 -20.85
CA ARG A 366 -23.51 5.36 -20.32
C ARG A 366 -22.95 4.31 -19.37
N VAL A 367 -23.79 3.92 -18.40
CA VAL A 367 -23.41 2.92 -17.42
C VAL A 367 -24.05 1.60 -17.86
N ASN A 368 -23.27 0.52 -17.84
CA ASN A 368 -23.77 -0.77 -18.30
C ASN A 368 -23.88 -1.80 -17.20
N TRP A 369 -25.06 -2.39 -17.10
CA TRP A 369 -25.32 -3.41 -16.09
C TRP A 369 -24.97 -4.78 -16.69
N GLY A 370 -24.32 -5.63 -15.91
CA GLY A 370 -23.92 -6.94 -16.41
C GLY A 370 -22.95 -6.79 -17.55
N ALA A 371 -22.10 -5.77 -17.48
CA ALA A 371 -21.12 -5.53 -18.54
C ALA A 371 -19.87 -6.41 -18.39
N ASP A 372 -19.47 -6.67 -17.14
CA ASP A 372 -18.32 -7.50 -16.82
C ASP A 372 -18.64 -8.49 -15.69
N MET A 373 -19.26 -9.62 -16.05
CA MET A 373 -19.66 -10.64 -15.08
C MET A 373 -18.55 -11.60 -14.64
N SER A 374 -17.30 -11.16 -14.73
CA SER A 374 -16.19 -11.99 -14.31
C SER A 374 -16.20 -11.99 -12.79
N ARG A 375 -15.34 -12.79 -12.18
CA ARG A 375 -15.25 -12.83 -10.72
C ARG A 375 -14.81 -11.43 -10.26
N LYS A 376 -13.82 -10.89 -10.95
CA LYS A 376 -13.28 -9.58 -10.62
C LYS A 376 -14.26 -8.44 -10.86
N GLY A 377 -15.03 -8.54 -11.95
CA GLY A 377 -15.98 -7.51 -12.29
C GLY A 377 -17.04 -7.33 -11.23
N ARG A 378 -17.59 -8.45 -10.76
CA ARG A 378 -18.61 -8.43 -9.74
C ARG A 378 -18.07 -7.93 -8.41
N ALA A 379 -16.78 -8.17 -8.18
CA ALA A 379 -16.13 -7.76 -6.95
C ALA A 379 -15.74 -6.29 -6.95
N GLN A 380 -15.55 -5.71 -8.12
CA GLN A 380 -15.16 -4.30 -8.21
C GLN A 380 -16.34 -3.32 -8.35
N SER A 381 -17.38 -3.74 -9.07
CA SER A 381 -18.52 -2.85 -9.31
C SER A 381 -19.81 -3.57 -9.59
N CYS A 382 -19.94 -4.80 -9.11
CA CYS A 382 -21.16 -5.57 -9.33
C CYS A 382 -21.32 -5.87 -10.82
N GLY A 383 -20.19 -5.96 -11.52
CA GLY A 383 -20.21 -6.26 -12.93
C GLY A 383 -20.56 -5.09 -13.83
N MET A 384 -20.58 -3.88 -13.26
CA MET A 384 -20.93 -2.68 -13.99
C MET A 384 -19.74 -2.07 -14.72
N MET A 385 -19.95 -1.67 -15.97
CA MET A 385 -18.89 -1.02 -16.74
C MET A 385 -19.45 0.29 -17.24
N VAL A 386 -18.58 1.12 -17.81
CA VAL A 386 -18.97 2.42 -18.31
C VAL A 386 -18.38 2.70 -19.68
N ASN A 387 -19.09 3.49 -20.48
CA ASN A 387 -18.66 3.90 -21.82
C ASN A 387 -18.31 5.38 -21.79
N TYR A 388 -17.08 5.74 -22.13
CA TYR A 388 -16.69 7.16 -22.19
C TYR A 388 -16.65 7.47 -23.69
N LEU A 389 -17.47 8.41 -24.11
CA LEU A 389 -17.57 8.79 -25.52
C LEU A 389 -16.61 9.92 -25.87
N TYR A 390 -15.81 9.69 -26.92
CA TYR A 390 -14.87 10.71 -27.39
C TYR A 390 -15.39 11.37 -28.65
N VAL A 391 -15.66 12.66 -28.57
CA VAL A 391 -16.12 13.40 -29.73
C VAL A 391 -14.99 14.37 -30.06
N PRO A 392 -14.24 14.07 -31.13
CA PRO A 392 -13.11 14.90 -31.55
C PRO A 392 -13.29 16.40 -31.30
N ASP A 393 -14.26 16.98 -31.98
CA ASP A 393 -14.55 18.41 -31.86
C ASP A 393 -15.30 18.79 -30.59
N ALA A 394 -14.85 18.27 -29.46
CA ALA A 394 -15.48 18.56 -28.18
C ALA A 394 -14.52 18.28 -27.03
N LEU A 395 -13.49 17.48 -27.32
CA LEU A 395 -12.48 17.13 -26.34
C LEU A 395 -11.99 18.35 -25.55
N ASP A 396 -11.79 19.46 -26.24
CA ASP A 396 -11.31 20.67 -25.56
C ASP A 396 -12.35 21.23 -24.60
N ASP A 397 -13.57 21.39 -25.09
CA ASP A 397 -14.67 21.93 -24.30
C ASP A 397 -14.90 21.09 -23.04
N ASN A 398 -14.88 19.78 -23.19
CA ASN A 398 -15.07 18.88 -22.06
C ASN A 398 -13.92 19.01 -21.07
N LEU A 399 -12.69 19.06 -21.59
CA LEU A 399 -11.50 19.18 -20.75
C LEU A 399 -11.60 20.43 -19.89
N ALA A 400 -12.30 21.44 -20.42
CA ALA A 400 -12.49 22.70 -19.70
C ALA A 400 -13.55 22.53 -18.62
N ARG A 401 -14.70 22.01 -19.01
CA ARG A 401 -15.81 21.79 -18.10
C ARG A 401 -15.46 20.90 -16.90
N LEU A 402 -14.45 20.04 -17.07
CA LEU A 402 -14.00 19.14 -16.00
C LEU A 402 -13.23 19.93 -14.95
N GLY A 403 -12.57 21.01 -15.37
CA GLY A 403 -11.81 21.84 -14.46
C GLY A 403 -12.73 22.68 -13.60
N ASP A 404 -13.98 22.84 -14.07
CA ASP A 404 -14.99 23.61 -13.35
C ASP A 404 -15.70 22.66 -12.40
N GLY A 405 -15.34 21.38 -12.44
CA GLY A 405 -15.97 20.41 -11.58
C GLY A 405 -17.38 20.09 -12.06
N ASN A 406 -17.55 20.05 -13.38
CA ASN A 406 -18.83 19.74 -14.00
C ASN A 406 -18.61 18.83 -15.22
N PRO A 407 -18.26 17.56 -14.97
CA PRO A 407 -17.99 16.54 -16.00
C PRO A 407 -19.05 16.44 -17.08
N ARG A 408 -18.61 16.31 -18.33
CA ARG A 408 -19.53 16.19 -19.46
C ARG A 408 -20.32 14.89 -19.32
N ILE A 409 -21.64 14.99 -19.46
CA ILE A 409 -22.52 13.84 -19.30
C ILE A 409 -23.59 13.75 -20.39
N SER A 410 -24.03 12.53 -20.69
CA SER A 410 -25.07 12.31 -21.69
C SER A 410 -26.45 12.37 -21.01
N ARG A 411 -27.52 12.38 -21.79
CA ARG A 411 -28.86 12.45 -21.22
C ARG A 411 -29.12 11.25 -20.32
N ALA A 412 -28.81 10.05 -20.82
CA ALA A 412 -29.00 8.81 -20.07
C ALA A 412 -28.33 8.81 -18.69
N VAL A 413 -27.13 9.38 -18.59
CA VAL A 413 -26.40 9.42 -17.31
C VAL A 413 -26.95 10.54 -16.40
N ALA A 414 -27.38 11.65 -16.99
CA ALA A 414 -27.95 12.73 -16.18
C ALA A 414 -29.24 12.18 -15.56
N LYS A 415 -29.95 11.35 -16.31
CA LYS A 415 -31.21 10.78 -15.84
C LYS A 415 -31.02 9.86 -14.63
N LEU A 416 -29.86 9.21 -14.54
CA LEU A 416 -29.55 8.31 -13.41
C LEU A 416 -29.25 9.09 -12.14
N LEU A 417 -29.01 10.39 -12.27
CA LEU A 417 -28.66 11.23 -11.11
C LEU A 417 -29.77 12.04 -10.43
N THR B 2 -13.83 -23.95 -15.40
CA THR B 2 -15.02 -24.57 -14.75
C THR B 2 -14.86 -26.09 -14.73
N ARG B 3 -13.86 -26.59 -15.46
CA ARG B 3 -13.62 -28.02 -15.52
C ARG B 3 -13.61 -28.65 -14.14
N ALA B 4 -13.07 -27.93 -13.17
CA ALA B 4 -13.01 -28.43 -11.80
C ALA B 4 -13.31 -27.32 -10.81
N THR B 5 -13.30 -26.08 -11.30
CA THR B 5 -13.57 -24.93 -10.45
C THR B 5 -14.97 -25.02 -9.83
N LYS B 6 -15.77 -25.98 -10.33
CA LYS B 6 -17.12 -26.19 -9.82
C LYS B 6 -17.06 -27.13 -8.63
N ARG B 7 -15.99 -27.93 -8.55
CA ARG B 7 -15.81 -28.85 -7.43
C ARG B 7 -15.38 -28.06 -6.20
N GLN B 8 -14.53 -27.07 -6.42
CA GLN B 8 -14.04 -26.22 -5.33
C GLN B 8 -15.20 -25.35 -4.82
N ARG B 9 -16.05 -24.89 -5.73
CA ARG B 9 -17.19 -24.07 -5.36
C ARG B 9 -18.09 -24.89 -4.45
N ASP B 10 -18.38 -26.12 -4.86
CA ASP B 10 -19.23 -27.01 -4.08
C ASP B 10 -18.58 -27.24 -2.71
N GLN B 11 -17.29 -27.54 -2.72
CA GLN B 11 -16.56 -27.77 -1.50
C GLN B 11 -16.73 -26.59 -0.56
N LEU B 12 -16.38 -25.41 -1.04
CA LEU B 12 -16.48 -24.20 -0.25
C LEU B 12 -17.90 -23.90 0.26
N ARG B 13 -18.91 -24.29 -0.52
CA ARG B 13 -20.30 -24.06 -0.11
C ARG B 13 -20.60 -24.84 1.16
N GLN B 14 -20.08 -26.06 1.23
CA GLN B 14 -20.28 -26.89 2.41
C GLN B 14 -19.56 -26.28 3.60
N CYS B 15 -18.29 -25.94 3.39
CA CYS B 15 -17.46 -25.36 4.43
C CYS B 15 -18.05 -24.08 5.00
N PHE B 16 -18.78 -23.34 4.17
CA PHE B 16 -19.40 -22.07 4.56
C PHE B 16 -20.78 -22.25 5.18
N ASP B 17 -21.57 -23.13 4.57
CA ASP B 17 -22.95 -23.35 4.99
C ASP B 17 -23.28 -24.49 5.94
N ALA B 18 -22.51 -25.57 5.92
CA ALA B 18 -22.80 -26.71 6.79
C ALA B 18 -22.42 -26.43 8.24
N ARG B 19 -22.96 -27.24 9.15
CA ARG B 19 -22.65 -27.09 10.56
C ARG B 19 -21.21 -27.53 10.79
N LEU B 20 -20.60 -27.03 11.85
CA LEU B 20 -19.21 -27.35 12.17
C LEU B 20 -18.97 -28.84 12.36
N THR B 21 -19.96 -29.54 12.88
CA THR B 21 -19.81 -30.97 13.15
C THR B 21 -19.93 -31.84 11.91
N ASP B 22 -20.72 -31.40 10.94
CA ASP B 22 -20.94 -32.15 9.70
C ASP B 22 -19.66 -32.81 9.19
N VAL B 23 -19.57 -34.12 9.33
CA VAL B 23 -18.40 -34.86 8.91
C VAL B 23 -18.05 -34.64 7.44
N ALA B 24 -19.07 -34.57 6.59
CA ALA B 24 -18.86 -34.37 5.16
C ALA B 24 -18.20 -33.04 4.85
N ALA B 25 -18.75 -31.96 5.42
CA ALA B 25 -18.20 -30.63 5.19
C ALA B 25 -16.75 -30.55 5.66
N ASN B 26 -16.43 -31.23 6.76
CA ASN B 26 -15.05 -31.20 7.25
C ASN B 26 -14.15 -31.94 6.29
N ALA B 27 -14.68 -33.00 5.69
CA ALA B 27 -13.91 -33.78 4.73
C ALA B 27 -13.61 -32.85 3.56
N ALA B 28 -14.64 -32.14 3.12
CA ALA B 28 -14.55 -31.20 2.01
C ALA B 28 -13.44 -30.18 2.27
N ALA B 29 -13.41 -29.64 3.48
CA ALA B 29 -12.42 -28.67 3.89
C ALA B 29 -11.02 -29.28 3.83
N GLN B 30 -10.92 -30.51 4.32
CA GLN B 30 -9.65 -31.22 4.32
C GLN B 30 -9.17 -31.35 2.86
N ALA B 31 -10.13 -31.61 1.96
CA ALA B 31 -9.83 -31.76 0.55
C ALA B 31 -9.35 -30.46 -0.08
N TRP B 32 -10.11 -29.39 0.14
CA TRP B 32 -9.77 -28.08 -0.42
C TRP B 32 -8.39 -27.61 0.02
N GLN B 33 -8.00 -27.96 1.24
CA GLN B 33 -6.71 -27.58 1.78
C GLN B 33 -5.60 -28.22 0.96
N ASP B 34 -5.66 -29.55 0.84
CA ASP B 34 -4.65 -30.28 0.07
C ASP B 34 -4.50 -29.67 -1.32
N GLU B 35 -5.61 -29.60 -2.04
CA GLU B 35 -5.62 -29.04 -3.39
C GLU B 35 -5.02 -27.63 -3.43
N TYR B 36 -5.08 -26.91 -2.32
CA TYR B 36 -4.53 -25.56 -2.30
C TYR B 36 -3.03 -25.55 -1.99
N GLU B 37 -2.60 -26.44 -1.10
CA GLU B 37 -1.20 -26.52 -0.72
C GLU B 37 -0.33 -27.10 -1.83
N ALA B 38 -0.94 -27.88 -2.70
CA ALA B 38 -0.23 -28.46 -3.84
C ALA B 38 -0.71 -27.78 -5.12
N ALA B 39 -0.44 -26.49 -5.25
CA ALA B 39 -0.87 -25.74 -6.43
C ALA B 39 0.05 -24.60 -6.77
N VAL B 40 0.26 -24.38 -8.06
CA VAL B 40 1.12 -23.30 -8.54
C VAL B 40 0.55 -21.97 -8.07
N GLU B 41 1.38 -20.93 -8.01
CA GLU B 41 0.95 -19.61 -7.55
C GLU B 41 -0.34 -19.11 -8.24
N PRO B 42 -0.41 -19.19 -9.58
CA PRO B 42 -1.63 -18.71 -10.26
C PRO B 42 -2.88 -19.53 -9.92
N LEU B 43 -2.71 -20.83 -9.70
CA LEU B 43 -3.83 -21.71 -9.36
C LEU B 43 -4.46 -21.30 -8.04
N ARG B 44 -3.63 -20.91 -7.08
CA ARG B 44 -4.12 -20.48 -5.78
C ARG B 44 -4.83 -19.15 -5.90
N GLN B 45 -4.24 -18.22 -6.65
CA GLN B 45 -4.85 -16.89 -6.83
C GLN B 45 -6.23 -17.06 -7.43
N ALA B 46 -6.40 -18.13 -8.19
CA ALA B 46 -7.67 -18.43 -8.83
C ALA B 46 -8.62 -19.05 -7.82
N MET B 47 -8.09 -19.93 -6.97
CA MET B 47 -8.91 -20.56 -5.96
C MET B 47 -9.42 -19.51 -4.98
N LEU B 48 -8.63 -18.46 -4.79
CA LEU B 48 -8.98 -17.35 -3.90
C LEU B 48 -10.11 -16.54 -4.54
N GLY B 49 -10.15 -16.55 -5.87
CA GLY B 49 -11.20 -15.86 -6.60
C GLY B 49 -12.52 -16.58 -6.42
N VAL B 50 -12.45 -17.90 -6.31
CA VAL B 50 -13.63 -18.73 -6.09
C VAL B 50 -14.13 -18.48 -4.65
N LEU B 51 -13.19 -18.45 -3.72
CA LEU B 51 -13.50 -18.23 -2.31
C LEU B 51 -14.22 -16.91 -2.10
N ALA B 52 -13.73 -15.83 -2.72
CA ALA B 52 -14.36 -14.52 -2.56
C ALA B 52 -15.69 -14.48 -3.28
N GLU B 53 -15.88 -15.41 -4.21
CA GLU B 53 -17.11 -15.51 -4.98
C GLU B 53 -18.16 -16.10 -4.04
N VAL B 54 -17.79 -17.22 -3.43
CA VAL B 54 -18.66 -17.92 -2.51
C VAL B 54 -18.96 -17.09 -1.27
N ALA B 55 -17.96 -16.38 -0.76
CA ALA B 55 -18.16 -15.57 0.44
C ALA B 55 -19.08 -14.36 0.27
N ALA B 56 -19.23 -13.90 -0.96
CA ALA B 56 -20.05 -12.72 -1.21
C ALA B 56 -21.55 -13.01 -1.30
N VAL B 57 -21.90 -14.24 -1.63
CA VAL B 57 -23.30 -14.63 -1.77
C VAL B 57 -23.80 -15.70 -0.79
N ARG B 58 -25.11 -15.97 -0.87
CA ARG B 58 -25.76 -16.98 -0.06
C ARG B 58 -26.44 -17.95 -1.01
N ASP B 59 -26.46 -19.23 -0.64
CA ASP B 59 -27.08 -20.26 -1.47
C ASP B 59 -28.58 -20.00 -1.63
N ALA B 60 -29.41 -20.99 -1.29
CA ALA B 60 -30.87 -20.89 -1.39
C ALA B 60 -31.55 -21.58 -0.20
N ALA B 66 -34.83 -13.05 2.21
CA ALA B 66 -34.09 -12.66 3.41
C ALA B 66 -33.86 -11.15 3.42
N THR B 67 -34.14 -10.50 4.55
CA THR B 67 -33.94 -9.05 4.68
C THR B 67 -32.51 -8.61 4.35
N ALA B 68 -32.24 -7.30 4.38
CA ALA B 68 -30.91 -6.80 4.07
C ALA B 68 -29.97 -6.95 5.27
N SER B 69 -30.50 -6.71 6.46
CA SER B 69 -29.71 -6.84 7.69
C SER B 69 -29.40 -8.32 7.94
N GLY B 70 -30.32 -9.17 7.49
CA GLY B 70 -30.19 -10.61 7.64
C GLY B 70 -29.20 -11.20 6.65
N LEU B 71 -28.97 -10.51 5.54
CA LEU B 71 -28.04 -10.98 4.53
C LEU B 71 -26.62 -10.74 5.03
N SER B 72 -26.34 -9.50 5.44
CA SER B 72 -25.03 -9.14 5.96
C SER B 72 -24.61 -10.07 7.11
N GLN B 73 -25.55 -10.34 8.01
CA GLN B 73 -25.29 -11.22 9.14
C GLN B 73 -25.02 -12.65 8.70
N ALA B 74 -25.81 -13.13 7.74
CA ALA B 74 -25.69 -14.49 7.23
C ALA B 74 -24.37 -14.65 6.48
N LEU B 75 -23.93 -13.58 5.84
CA LEU B 75 -22.68 -13.59 5.10
C LEU B 75 -21.52 -13.55 6.09
N SER B 76 -21.69 -12.78 7.16
CA SER B 76 -20.65 -12.69 8.18
C SER B 76 -20.51 -14.04 8.87
N ASN B 77 -21.65 -14.60 9.30
CA ASN B 77 -21.69 -15.89 9.99
C ASN B 77 -21.13 -17.06 9.18
N ALA B 78 -21.22 -16.99 7.86
CA ALA B 78 -20.72 -18.09 7.02
C ALA B 78 -19.20 -18.02 6.88
N ARG B 79 -18.68 -16.80 6.71
CA ARG B 79 -17.24 -16.60 6.57
C ARG B 79 -16.59 -17.05 7.88
N ILE B 80 -17.19 -16.66 9.00
CA ILE B 80 -16.66 -17.02 10.32
C ILE B 80 -16.73 -18.53 10.50
N ARG B 81 -17.84 -19.13 10.09
CA ARG B 81 -18.04 -20.56 10.18
C ARG B 81 -16.98 -21.28 9.32
N PHE B 82 -16.64 -20.68 8.17
CA PHE B 82 -15.64 -21.24 7.26
C PHE B 82 -14.27 -21.34 7.92
N PHE B 83 -13.89 -20.30 8.66
CA PHE B 83 -12.59 -20.30 9.32
C PHE B 83 -12.58 -21.15 10.56
N LYS B 84 -13.69 -21.13 11.31
CA LYS B 84 -13.81 -21.92 12.52
C LYS B 84 -13.64 -23.40 12.18
N ARG B 85 -14.21 -23.82 11.06
CA ARG B 85 -14.10 -25.22 10.65
C ARG B 85 -12.66 -25.59 10.36
N PHE B 86 -11.91 -24.70 9.73
CA PHE B 86 -10.51 -24.98 9.41
C PHE B 86 -9.59 -24.95 10.63
N ALA B 87 -9.89 -24.07 11.56
CA ALA B 87 -9.08 -23.95 12.76
C ALA B 87 -9.30 -25.16 13.68
N ALA B 88 -10.31 -25.97 13.36
CA ALA B 88 -10.63 -27.14 14.17
C ALA B 88 -10.02 -28.47 13.68
N LEU B 89 -9.54 -28.48 12.44
CA LEU B 89 -8.93 -29.68 11.88
C LEU B 89 -7.52 -29.96 12.42
N HIS B 90 -7.09 -31.21 12.36
CA HIS B 90 -5.77 -31.59 12.84
C HIS B 90 -5.14 -32.64 11.92
N ASN B 95 -0.66 -30.74 5.39
CA ASN B 95 0.75 -30.41 5.24
C ASN B 95 1.29 -29.58 6.41
N SER B 96 0.77 -28.37 6.56
CA SER B 96 1.16 -27.46 7.63
C SER B 96 0.85 -28.10 8.98
N ALA B 97 1.39 -27.53 10.06
CA ALA B 97 1.16 -28.05 11.41
C ALA B 97 -0.28 -28.56 11.63
N CYS B 98 -1.27 -27.81 11.13
CA CYS B 98 -2.67 -28.20 11.26
C CYS B 98 -3.60 -27.24 10.52
N GLY B 99 -4.89 -27.31 10.84
CA GLY B 99 -5.85 -26.44 10.20
C GLY B 99 -5.60 -24.99 10.53
N LEU B 100 -5.30 -24.74 11.80
CA LEU B 100 -5.02 -23.39 12.27
C LEU B 100 -3.81 -22.81 11.54
N HIS B 101 -2.77 -23.63 11.39
CA HIS B 101 -1.53 -23.21 10.72
C HIS B 101 -1.80 -22.84 9.26
N PHE B 102 -2.50 -23.72 8.56
CA PHE B 102 -2.85 -23.50 7.16
C PHE B 102 -3.47 -22.11 7.03
N LEU B 103 -4.45 -21.85 7.90
CA LEU B 103 -5.15 -20.59 7.92
C LEU B 103 -4.21 -19.42 7.97
N ILE B 104 -3.05 -19.61 8.61
CA ILE B 104 -2.05 -18.55 8.71
C ILE B 104 -1.42 -18.28 7.34
N GLN B 105 -1.12 -19.35 6.61
CA GLN B 105 -0.52 -19.18 5.29
C GLN B 105 -1.56 -18.63 4.32
N LEU B 106 -2.80 -19.09 4.47
CA LEU B 106 -3.89 -18.64 3.61
C LEU B 106 -4.03 -17.12 3.73
N ARG B 107 -3.95 -16.59 4.94
CA ARG B 107 -4.07 -15.16 5.10
C ARG B 107 -2.83 -14.45 4.55
N ALA B 108 -1.73 -15.19 4.45
CA ALA B 108 -0.49 -14.63 3.93
C ALA B 108 -0.71 -14.27 2.46
N ASP B 109 -1.37 -15.17 1.74
CA ASP B 109 -1.67 -14.96 0.33
C ASP B 109 -2.74 -13.89 0.16
N MET B 110 -3.82 -14.00 0.93
CA MET B 110 -4.90 -13.00 0.84
C MET B 110 -4.33 -11.59 1.00
N LEU B 111 -3.33 -11.48 1.88
CA LEU B 111 -2.70 -10.20 2.18
C LEU B 111 -1.79 -9.63 1.08
N ARG B 112 -1.05 -10.51 0.43
CA ARG B 112 -0.16 -10.05 -0.62
C ARG B 112 -0.84 -9.91 -1.98
N TRP B 113 -1.95 -10.62 -2.16
CA TRP B 113 -2.65 -10.57 -3.42
C TRP B 113 -3.92 -9.71 -3.43
N HIS B 114 -4.19 -9.03 -2.32
CA HIS B 114 -5.38 -8.18 -2.25
C HIS B 114 -5.57 -7.31 -3.48
N LYS B 115 -4.51 -6.69 -3.96
CA LYS B 115 -4.61 -5.83 -5.13
C LYS B 115 -4.93 -6.60 -6.42
N ARG B 116 -4.53 -7.86 -6.47
CA ARG B 116 -4.78 -8.69 -7.65
C ARG B 116 -6.14 -9.35 -7.60
N ILE B 117 -6.44 -9.97 -6.47
CA ILE B 117 -7.70 -10.68 -6.28
C ILE B 117 -8.65 -9.88 -5.38
N PRO B 118 -9.55 -9.09 -5.99
CA PRO B 118 -10.49 -8.29 -5.21
C PRO B 118 -11.56 -9.18 -4.56
N GLY B 119 -12.24 -8.63 -3.55
CA GLY B 119 -13.27 -9.38 -2.86
C GLY B 119 -12.82 -10.19 -1.66
N LEU B 120 -11.59 -10.00 -1.17
CA LEU B 120 -11.09 -10.76 -0.01
C LEU B 120 -11.09 -9.89 1.25
N ARG B 121 -11.35 -8.59 1.08
CA ARG B 121 -11.35 -7.66 2.20
C ARG B 121 -12.14 -8.14 3.41
N GLU B 122 -13.35 -8.66 3.18
CA GLU B 122 -14.19 -9.14 4.27
C GLU B 122 -13.64 -10.41 4.92
N LEU B 123 -13.14 -11.33 4.09
CA LEU B 123 -12.56 -12.58 4.58
C LEU B 123 -11.32 -12.24 5.42
N ASP B 124 -10.50 -11.31 4.91
CA ASP B 124 -9.30 -10.89 5.60
C ASP B 124 -9.62 -10.26 6.94
N GLU B 125 -10.60 -9.37 6.96
CA GLU B 125 -10.97 -8.70 8.20
C GLU B 125 -11.49 -9.69 9.24
N ASP B 126 -12.38 -10.59 8.82
CA ASP B 126 -12.93 -11.59 9.72
C ASP B 126 -11.82 -12.46 10.29
N LEU B 127 -11.01 -13.08 9.43
CA LEU B 127 -9.91 -13.92 9.90
C LEU B 127 -8.97 -13.16 10.84
N GLU B 128 -8.59 -11.95 10.47
CA GLU B 128 -7.71 -11.18 11.34
C GLU B 128 -8.31 -11.07 12.75
N ALA B 129 -9.62 -10.92 12.82
CA ALA B 129 -10.33 -10.79 14.09
C ALA B 129 -10.37 -12.11 14.85
N LEU B 130 -10.50 -13.20 14.13
CA LEU B 130 -10.51 -14.50 14.77
C LEU B 130 -9.11 -14.75 15.31
N PHE B 131 -8.10 -14.44 14.48
CA PHE B 131 -6.70 -14.63 14.82
C PHE B 131 -6.30 -13.87 16.09
N SER B 132 -7.06 -12.83 16.42
CA SER B 132 -6.76 -12.06 17.61
C SER B 132 -7.23 -12.80 18.87
N ASN B 133 -8.27 -13.62 18.75
CA ASN B 133 -8.76 -14.38 19.88
C ASN B 133 -7.91 -15.67 20.02
N TRP B 134 -7.70 -16.35 18.91
CA TRP B 134 -6.95 -17.60 18.88
C TRP B 134 -5.47 -17.49 19.26
N PHE B 135 -4.83 -16.37 18.90
CA PHE B 135 -3.44 -16.19 19.21
C PHE B 135 -3.21 -15.14 20.28
N ASP B 136 -4.21 -14.92 21.11
CA ASP B 136 -4.04 -13.95 22.18
C ASP B 136 -2.89 -14.48 23.03
N VAL B 137 -2.05 -13.59 23.53
CA VAL B 137 -0.90 -13.95 24.37
C VAL B 137 -1.26 -14.93 25.49
N GLY B 138 -2.44 -14.75 26.06
CA GLY B 138 -2.88 -15.60 27.13
C GLY B 138 -3.01 -17.05 26.72
N LEU B 139 -3.00 -17.32 25.41
CA LEU B 139 -3.12 -18.68 24.90
C LEU B 139 -1.82 -19.19 24.30
N LEU B 140 -0.80 -18.34 24.28
CA LEU B 140 0.47 -18.70 23.71
C LEU B 140 1.47 -19.13 24.76
N GLU B 141 2.41 -19.99 24.38
CA GLU B 141 3.43 -20.42 25.33
C GLU B 141 4.72 -19.66 25.01
N LEU B 142 5.42 -19.25 26.06
CA LEU B 142 6.67 -18.52 25.92
C LEU B 142 7.85 -19.48 26.00
N GLN B 143 8.82 -19.32 25.10
CA GLN B 143 10.01 -20.18 25.06
C GLN B 143 11.28 -19.38 24.88
N PRO B 144 12.34 -19.73 25.62
CA PRO B 144 13.62 -19.02 25.52
C PRO B 144 14.29 -19.43 24.23
N ILE B 145 14.97 -18.50 23.59
CA ILE B 145 15.67 -18.80 22.34
C ILE B 145 17.14 -18.52 22.57
N THR B 146 17.98 -19.53 22.31
CA THR B 146 19.43 -19.37 22.49
C THR B 146 20.18 -19.85 21.26
N TRP B 147 21.49 -19.76 21.29
CA TRP B 147 22.30 -20.19 20.17
C TRP B 147 22.28 -21.73 20.08
N ASP B 148 21.68 -22.37 21.07
CA ASP B 148 21.56 -23.82 21.10
C ASP B 148 20.26 -24.32 20.46
N SER B 149 19.34 -23.40 20.19
CA SER B 149 18.07 -23.75 19.57
C SER B 149 18.32 -24.34 18.19
N PRO B 150 17.37 -25.15 17.69
CA PRO B 150 17.46 -25.77 16.37
C PRO B 150 17.72 -24.74 15.28
N ALA B 151 18.62 -25.05 14.36
CA ALA B 151 18.92 -24.13 13.27
C ALA B 151 17.65 -23.90 12.46
N SER B 152 16.84 -24.94 12.30
CA SER B 152 15.61 -24.85 11.52
C SER B 152 14.61 -23.87 12.13
N LEU B 153 14.80 -23.56 13.41
CA LEU B 153 13.92 -22.61 14.09
C LEU B 153 14.55 -21.24 14.00
N LEU B 154 15.84 -21.20 14.26
CA LEU B 154 16.60 -19.97 14.24
C LEU B 154 16.53 -19.28 12.87
N GLU B 155 16.29 -20.07 11.83
CA GLU B 155 16.22 -19.53 10.47
C GLU B 155 14.85 -18.95 10.15
N LYS B 156 13.98 -18.88 11.16
CA LYS B 156 12.65 -18.33 10.95
C LYS B 156 12.63 -16.95 11.56
N LEU B 157 13.66 -16.63 12.31
CA LEU B 157 13.78 -15.33 12.96
C LEU B 157 14.68 -14.40 12.14
N ILE B 158 15.47 -14.99 11.24
CA ILE B 158 16.35 -14.21 10.38
C ILE B 158 15.47 -13.64 9.29
N ARG B 159 14.58 -14.49 8.80
CA ARG B 159 13.62 -14.11 7.76
C ARG B 159 12.76 -12.96 8.27
N TYR B 160 12.45 -12.97 9.56
CA TYR B 160 11.63 -11.92 10.16
C TYR B 160 12.29 -11.26 11.36
N GLU B 165 19.02 -6.66 11.61
CA GLU B 165 19.28 -8.09 11.78
C GLU B 165 20.08 -8.62 10.60
N ILE B 166 21.37 -8.26 10.54
CA ILE B 166 22.28 -8.67 9.47
C ILE B 166 22.01 -10.10 9.01
N SER B 167 22.40 -10.42 7.78
CA SER B 167 22.20 -11.76 7.23
C SER B 167 23.24 -12.72 7.82
N SER B 168 24.18 -12.14 8.57
CA SER B 168 25.22 -12.92 9.23
C SER B 168 24.64 -13.47 10.53
N TRP B 169 24.66 -14.80 10.66
CA TRP B 169 24.13 -15.44 11.85
C TRP B 169 24.91 -14.97 13.09
N THR B 170 26.02 -14.29 12.86
CA THR B 170 26.85 -13.77 13.95
C THR B 170 26.08 -12.68 14.68
N ASP B 171 25.16 -12.06 13.96
CA ASP B 171 24.33 -11.01 14.53
C ASP B 171 23.38 -11.72 15.50
N LEU B 172 22.80 -12.83 15.05
CA LEU B 172 21.91 -13.60 15.90
C LEU B 172 22.68 -13.95 17.16
N ARG B 173 23.92 -14.41 16.96
CA ARG B 173 24.81 -14.80 18.05
C ARG B 173 24.87 -13.79 19.19
N ASN B 174 25.34 -12.58 18.89
CA ASN B 174 25.46 -11.54 19.91
C ASN B 174 24.11 -11.28 20.58
N ARG B 175 23.05 -11.26 19.78
CA ARG B 175 21.71 -11.02 20.30
C ARG B 175 21.29 -12.18 21.19
N LEU B 176 21.88 -13.35 20.93
CA LEU B 176 21.61 -14.56 21.71
C LEU B 176 22.79 -14.86 22.62
N ASP B 177 23.32 -13.85 23.30
CA ASP B 177 24.47 -14.04 24.17
C ASP B 177 24.19 -13.79 25.65
N SER B 178 25.13 -14.22 26.48
CA SER B 178 25.04 -14.10 27.94
C SER B 178 24.37 -12.84 28.47
N ASP B 179 24.78 -11.68 27.96
CA ASP B 179 24.24 -10.39 28.39
C ASP B 179 22.97 -10.04 27.62
N ARG B 180 22.39 -11.05 26.97
CA ARG B 180 21.18 -10.87 26.17
C ARG B 180 20.18 -12.01 26.47
N ARG B 181 18.91 -11.77 26.21
CA ARG B 181 17.87 -12.78 26.46
C ARG B 181 16.78 -12.65 25.40
N CYS B 182 16.53 -13.72 24.66
CA CYS B 182 15.52 -13.68 23.61
C CYS B 182 14.48 -14.76 23.78
N TYR B 183 13.23 -14.41 23.45
CA TYR B 183 12.12 -15.35 23.54
C TYR B 183 11.27 -15.36 22.27
N ALA B 184 10.39 -16.35 22.20
CA ALA B 184 9.48 -16.48 21.08
C ALA B 184 8.17 -17.07 21.61
N PHE B 185 7.04 -16.54 21.16
CA PHE B 185 5.73 -17.04 21.55
C PHE B 185 5.32 -18.02 20.45
N PHE B 186 4.79 -19.17 20.84
CA PHE B 186 4.35 -20.19 19.90
C PHE B 186 2.94 -20.58 20.30
N HIS B 187 2.15 -21.04 19.34
CA HIS B 187 0.82 -21.53 19.66
C HIS B 187 1.12 -22.97 20.07
N PRO B 188 0.51 -23.46 21.15
CA PRO B 188 0.80 -24.84 21.57
C PRO B 188 0.65 -25.92 20.50
N ARG B 189 -0.27 -25.74 19.55
CA ARG B 189 -0.44 -26.76 18.53
C ARG B 189 0.28 -26.47 17.23
N ILE B 190 1.22 -25.54 17.26
CA ILE B 190 2.01 -25.20 16.10
C ILE B 190 3.45 -24.97 16.55
N PRO B 191 4.07 -25.98 17.15
CA PRO B 191 5.46 -25.79 17.58
C PRO B 191 6.28 -25.63 16.32
N ARG B 192 7.51 -25.17 16.43
CA ARG B 192 8.34 -25.00 15.25
C ARG B 192 8.10 -23.68 14.56
N GLU B 193 6.92 -23.12 14.75
CA GLU B 193 6.57 -21.87 14.09
C GLU B 193 6.47 -20.71 15.07
N PRO B 194 7.58 -19.98 15.27
CA PRO B 194 7.54 -18.84 16.19
C PRO B 194 6.55 -17.79 15.70
N LEU B 195 5.79 -17.21 16.62
CA LEU B 195 4.82 -16.19 16.26
C LEU B 195 5.37 -14.80 16.52
N ILE B 196 5.98 -14.61 17.68
CA ILE B 196 6.55 -13.32 18.07
C ILE B 196 7.96 -13.53 18.62
N PHE B 197 8.87 -12.62 18.28
CA PHE B 197 10.25 -12.69 18.72
C PHE B 197 10.58 -11.45 19.56
N VAL B 198 10.97 -11.67 20.81
CA VAL B 198 11.33 -10.59 21.71
C VAL B 198 12.82 -10.65 22.00
N GLU B 199 13.49 -9.51 21.82
CA GLU B 199 14.93 -9.41 22.07
C GLU B 199 15.14 -8.46 23.24
N VAL B 200 15.93 -8.90 24.20
CA VAL B 200 16.18 -8.13 25.41
C VAL B 200 17.66 -7.96 25.68
N ALA B 201 18.04 -6.81 26.22
CA ALA B 201 19.43 -6.55 26.53
C ALA B 201 19.56 -6.15 27.98
N PHE B 202 20.70 -6.46 28.58
CA PHE B 202 20.95 -6.11 29.97
C PHE B 202 22.09 -5.10 29.96
N VAL B 203 21.85 -3.96 30.59
CA VAL B 203 22.83 -2.88 30.63
C VAL B 203 22.68 -2.09 31.95
N PRO B 204 23.74 -1.37 32.36
CA PRO B 204 23.69 -0.58 33.60
C PRO B 204 22.75 0.63 33.60
N GLU B 205 22.55 1.26 32.44
CA GLU B 205 21.68 2.42 32.36
C GLU B 205 20.61 2.25 31.28
N MET B 206 19.43 2.84 31.50
CA MET B 206 18.36 2.75 30.51
C MET B 206 19.00 3.28 29.23
N ALA B 207 19.11 2.43 28.21
CA ALA B 207 19.75 2.79 26.95
C ALA B 207 19.20 4.01 26.20
N ALA B 208 20.12 4.80 25.65
CA ALA B 208 19.77 6.00 24.91
C ALA B 208 20.31 6.00 23.48
N ASN B 209 21.00 4.93 23.10
CA ASN B 209 21.56 4.83 21.75
C ASN B 209 21.54 3.37 21.30
N VAL B 210 20.69 3.06 20.32
CA VAL B 210 20.53 1.70 19.83
C VAL B 210 21.79 1.02 19.29
N GLN B 211 22.68 1.78 18.66
CA GLN B 211 23.90 1.20 18.12
C GLN B 211 24.74 0.54 19.21
N ALA B 212 24.51 0.94 20.46
CA ALA B 212 25.25 0.35 21.60
C ALA B 212 24.83 -1.08 21.91
N LEU B 213 23.54 -1.29 22.17
CA LEU B 213 23.05 -2.62 22.47
C LEU B 213 23.46 -3.64 21.41
N LEU B 214 23.63 -3.16 20.18
CA LEU B 214 24.00 -4.03 19.08
C LEU B 214 25.47 -3.82 18.66
N LEU B 223 26.72 -9.00 33.33
CA LEU B 223 25.65 -9.56 34.15
C LEU B 223 25.92 -9.30 35.61
N ARG B 224 27.19 -9.00 35.92
CA ARG B 224 27.62 -8.75 37.30
C ARG B 224 26.90 -7.59 38.00
N ARG B 225 26.87 -6.43 37.37
CA ARG B 225 26.21 -5.29 38.00
C ARG B 225 25.22 -4.57 37.10
N VAL B 226 24.52 -5.34 36.25
CA VAL B 226 23.53 -4.75 35.36
C VAL B 226 22.20 -4.63 36.09
N LYS B 227 21.51 -3.52 35.87
CA LYS B 227 20.23 -3.30 36.54
C LYS B 227 19.10 -3.03 35.55
N TRP B 228 19.44 -2.81 34.28
CA TRP B 228 18.41 -2.54 33.29
C TRP B 228 18.13 -3.63 32.27
N ALA B 229 16.86 -3.95 32.14
CA ALA B 229 16.38 -4.92 31.19
C ALA B 229 15.68 -4.06 30.12
N ILE B 230 16.18 -4.07 28.90
CA ILE B 230 15.55 -3.27 27.85
C ILE B 230 15.19 -4.06 26.60
N PHE B 231 13.95 -3.89 26.17
CA PHE B 231 13.46 -4.56 24.97
C PHE B 231 13.84 -3.68 23.78
N TYR B 232 14.77 -4.14 22.95
CA TYR B 232 15.18 -3.35 21.80
C TYR B 232 14.61 -3.89 20.49
N SER B 233 13.79 -4.93 20.59
CA SER B 233 13.17 -5.50 19.41
C SER B 233 12.06 -6.50 19.73
N ILE B 234 10.95 -6.31 19.05
CA ILE B 234 9.78 -7.16 19.18
C ILE B 234 9.24 -7.30 17.77
N SER B 235 9.33 -8.48 17.18
CA SER B 235 8.84 -8.61 15.83
C SER B 235 7.93 -9.79 15.58
N ASN B 236 6.97 -9.55 14.68
CA ASN B 236 5.97 -10.52 14.26
C ASN B 236 6.68 -11.32 13.18
N THR B 237 6.80 -12.63 13.39
CA THR B 237 7.49 -13.49 12.45
C THR B 237 6.61 -14.33 11.54
N GLN B 238 5.37 -13.88 11.33
CA GLN B 238 4.42 -14.58 10.46
C GLN B 238 3.72 -13.56 9.57
N ALA B 239 3.90 -13.71 8.26
CA ALA B 239 3.28 -12.81 7.28
C ALA B 239 1.76 -12.87 7.39
N GLY B 240 1.24 -14.08 7.56
CA GLY B 240 -0.20 -14.26 7.68
C GLY B 240 -0.82 -13.65 8.92
N LEU B 241 0.02 -13.17 9.84
CA LEU B 241 -0.47 -12.57 11.07
C LEU B 241 -0.28 -11.06 11.12
N ARG B 242 0.22 -10.49 10.03
CA ARG B 242 0.44 -9.05 9.98
C ARG B 242 -0.86 -8.32 10.30
N GLY B 243 -0.80 -7.42 11.27
CA GLY B 243 -2.00 -6.68 11.62
C GLY B 243 -2.83 -7.30 12.73
N VAL B 244 -2.49 -8.50 13.18
CA VAL B 244 -3.28 -9.12 14.24
C VAL B 244 -2.83 -8.64 15.62
N SER B 245 -3.81 -8.42 16.49
CA SER B 245 -3.57 -7.96 17.85
C SER B 245 -3.37 -9.15 18.80
N PHE B 246 -2.23 -9.16 19.49
CA PHE B 246 -1.91 -10.25 20.40
C PHE B 246 -2.27 -10.01 21.86
N GLY B 247 -2.93 -8.90 22.15
CA GLY B 247 -3.30 -8.61 23.52
C GLY B 247 -2.45 -7.53 24.17
N ASN B 248 -2.78 -7.17 25.41
CA ASN B 248 -2.05 -6.12 26.13
C ASN B 248 -1.11 -6.66 27.18
N PHE B 249 -0.98 -7.98 27.26
CA PHE B 249 -0.14 -8.60 28.27
C PHE B 249 1.08 -9.27 27.70
N LEU B 250 1.39 -8.91 26.47
CA LEU B 250 2.53 -9.44 25.76
C LEU B 250 3.83 -9.22 26.53
N LEU B 251 4.20 -7.97 26.79
CA LEU B 251 5.46 -7.73 27.52
C LEU B 251 5.37 -8.04 29.00
N LYS B 252 4.17 -7.91 29.56
CA LYS B 252 3.92 -8.21 30.95
C LYS B 252 4.36 -9.66 31.22
N ARG B 253 4.00 -10.52 30.28
CA ARG B 253 4.32 -11.93 30.31
C ARG B 253 5.83 -12.19 30.26
N VAL B 254 6.53 -11.41 29.43
CA VAL B 254 7.97 -11.55 29.27
C VAL B 254 8.72 -11.06 30.51
N ILE B 255 8.17 -10.04 31.16
CA ILE B 255 8.79 -9.50 32.36
C ILE B 255 8.66 -10.51 33.50
N GLU B 256 7.54 -11.22 33.53
CA GLU B 256 7.31 -12.22 34.56
C GLU B 256 8.39 -13.28 34.39
N GLU B 257 8.66 -13.64 33.14
CA GLU B 257 9.68 -14.63 32.85
C GLU B 257 11.05 -14.10 33.23
N LEU B 258 11.24 -12.80 33.06
CA LEU B 258 12.53 -12.21 33.39
C LEU B 258 12.71 -12.12 34.90
N GLN B 259 11.62 -11.89 35.62
CA GLN B 259 11.70 -11.80 37.07
C GLN B 259 11.87 -13.18 37.68
N ARG B 260 11.23 -14.19 37.09
CA ARG B 260 11.35 -15.56 37.59
C ARG B 260 12.83 -15.92 37.48
N GLU B 261 13.38 -15.63 36.31
CA GLU B 261 14.77 -15.89 35.96
C GLU B 261 15.76 -15.08 36.81
N HIS B 262 15.45 -13.80 37.02
CA HIS B 262 16.29 -12.90 37.80
C HIS B 262 15.39 -12.06 38.71
N PRO B 263 15.06 -12.59 39.91
CA PRO B 263 14.21 -11.85 40.85
C PRO B 263 14.74 -10.47 41.23
N LYS B 264 16.00 -10.22 40.91
CA LYS B 264 16.65 -8.95 41.23
C LYS B 264 16.33 -7.85 40.21
N LEU B 265 15.83 -8.22 39.03
CA LEU B 265 15.49 -7.23 38.00
C LEU B 265 14.21 -6.48 38.30
N LYS B 266 14.32 -5.16 38.41
CA LYS B 266 13.16 -4.32 38.71
C LYS B 266 12.98 -3.20 37.68
N GLN B 267 14.02 -2.96 36.88
CA GLN B 267 13.99 -1.90 35.87
C GLN B 267 13.73 -2.44 34.46
N PHE B 268 12.55 -2.10 33.91
CA PHE B 268 12.18 -2.54 32.55
C PHE B 268 11.77 -1.41 31.61
N ALA B 269 12.43 -1.32 30.47
CA ALA B 269 12.14 -0.28 29.48
C ALA B 269 12.54 -0.74 28.06
N THR B 270 12.09 0.01 27.04
CA THR B 270 12.44 -0.31 25.67
C THR B 270 13.24 0.86 25.09
N LEU B 271 13.86 0.61 23.95
CA LEU B 271 14.55 1.66 23.23
C LEU B 271 13.95 1.43 21.85
N SER B 272 12.79 2.05 21.65
CA SER B 272 12.01 1.92 20.43
C SER B 272 12.20 3.03 19.39
N PRO B 273 11.86 2.72 18.14
CA PRO B 273 11.98 3.69 17.05
C PRO B 273 10.64 4.40 16.97
N ILE B 274 10.59 5.45 16.15
CA ILE B 274 9.38 6.23 15.93
C ILE B 274 9.41 6.31 14.41
N PRO B 275 9.03 5.20 13.75
CA PRO B 275 8.99 5.04 12.29
C PRO B 275 8.16 6.02 11.48
N GLY B 276 6.97 6.35 11.94
CA GLY B 276 6.14 7.28 11.20
C GLY B 276 6.23 8.75 11.57
N PHE B 277 7.38 9.17 12.09
CA PHE B 277 7.55 10.56 12.48
C PHE B 277 7.72 11.48 11.27
N ALA B 278 8.65 11.13 10.39
CA ALA B 278 8.93 11.94 9.21
C ALA B 278 7.76 12.07 8.26
N ASP B 279 7.07 10.96 8.01
CA ASP B 279 5.93 10.97 7.09
C ASP B 279 4.76 11.78 7.65
N TRP B 280 4.69 11.89 8.96
CA TRP B 280 3.62 12.67 9.59
C TRP B 280 3.99 14.14 9.48
N LEU B 281 5.22 14.47 9.86
CA LEU B 281 5.68 15.84 9.86
C LEU B 281 5.54 16.52 8.50
N ARG B 282 5.97 15.85 7.43
CA ARG B 282 5.89 16.47 6.13
C ARG B 282 4.46 16.61 5.59
N LYS B 283 3.48 16.15 6.35
CA LYS B 283 2.08 16.28 5.93
C LYS B 283 1.39 17.43 6.68
N ARG B 284 2.13 18.10 7.57
CA ARG B 284 1.60 19.20 8.37
C ARG B 284 1.93 20.55 7.74
N ASP B 285 1.01 21.50 7.87
CA ASP B 285 1.27 22.82 7.34
C ASP B 285 1.98 23.63 8.43
N GLY B 286 2.42 24.84 8.10
CA GLY B 286 3.12 25.67 9.06
C GLY B 286 2.32 25.96 10.32
N GLU B 287 1.06 26.32 10.10
CA GLU B 287 0.13 26.64 11.17
C GLU B 287 0.07 25.57 12.29
N SER B 288 -0.07 24.31 11.90
CA SER B 288 -0.14 23.24 12.91
C SER B 288 1.14 23.12 13.74
N ILE B 289 2.30 23.28 13.12
CA ILE B 289 3.54 23.18 13.87
C ILE B 289 3.73 24.39 14.81
N ASP B 290 3.26 25.57 14.40
CA ASP B 290 3.36 26.75 15.26
C ASP B 290 2.57 26.48 16.53
N ARG B 291 1.42 25.83 16.38
CA ARG B 291 0.58 25.49 17.51
C ARG B 291 1.26 24.47 18.43
N VAL B 292 1.98 23.52 17.84
CA VAL B 292 2.70 22.51 18.62
C VAL B 292 3.86 23.13 19.40
N LEU B 293 4.74 23.84 18.70
CA LEU B 293 5.92 24.44 19.33
C LEU B 293 5.67 25.53 20.38
N GLY B 294 4.69 26.37 20.13
CA GLY B 294 4.42 27.44 21.06
C GLY B 294 5.22 28.68 20.74
N VAL B 295 4.75 29.83 21.21
CA VAL B 295 5.41 31.11 20.99
C VAL B 295 6.88 31.18 21.44
N LYS B 296 7.16 30.70 22.65
CA LYS B 296 8.52 30.73 23.17
C LYS B 296 9.49 29.91 22.30
N ARG B 297 9.10 28.69 21.94
CA ARG B 297 9.97 27.85 21.11
C ARG B 297 10.16 28.42 19.71
N LEU B 298 9.11 28.99 19.15
CA LEU B 298 9.18 29.60 17.83
C LEU B 298 10.15 30.79 17.88
N ALA B 299 10.16 31.50 19.00
CA ALA B 299 11.03 32.66 19.19
C ALA B 299 12.50 32.24 19.34
N ARG B 300 12.71 31.16 20.09
CA ARG B 300 14.06 30.64 20.29
C ARG B 300 14.62 30.17 18.94
N TRP B 301 13.73 29.73 18.05
CA TRP B 301 14.14 29.25 16.74
C TRP B 301 14.55 30.40 15.81
N ARG B 302 13.75 31.46 15.78
CA ARG B 302 14.08 32.61 14.95
C ARG B 302 15.41 33.21 15.40
N GLU B 303 15.59 33.30 16.71
CA GLU B 303 16.78 33.87 17.29
C GLU B 303 18.05 33.13 16.86
N GLN B 304 17.98 31.80 16.81
CA GLN B 304 19.14 31.00 16.42
C GLN B 304 19.24 30.69 14.93
N HIS B 305 18.11 30.44 14.27
CA HIS B 305 18.15 30.06 12.85
C HIS B 305 17.47 31.00 11.85
N GLY B 306 16.86 32.07 12.33
CA GLY B 306 16.19 32.98 11.44
C GLY B 306 14.84 32.48 10.98
N GLU B 307 14.64 32.39 9.67
CA GLU B 307 13.39 31.93 9.09
C GLU B 307 12.82 30.65 9.70
N VAL B 308 11.51 30.62 9.86
CA VAL B 308 10.81 29.46 10.38
C VAL B 308 10.45 28.64 9.15
N PRO B 309 10.76 27.33 9.14
CA PRO B 309 10.41 26.53 7.96
C PRO B 309 8.94 26.79 7.60
N ALA B 310 8.67 26.93 6.30
CA ALA B 310 7.33 27.22 5.81
C ALA B 310 6.27 26.18 6.19
N ASP B 311 6.65 24.90 6.19
CA ASP B 311 5.72 23.82 6.53
C ASP B 311 6.42 22.59 7.10
N GLY B 312 5.65 21.54 7.35
CA GLY B 312 6.21 20.31 7.89
C GLY B 312 7.35 19.75 7.08
N ALA B 313 7.18 19.67 5.77
CA ALA B 313 8.22 19.14 4.91
C ALA B 313 9.51 19.94 5.09
N ALA B 314 9.36 21.26 5.10
CA ALA B 314 10.52 22.12 5.25
C ALA B 314 11.09 21.95 6.65
N TRP B 315 10.22 21.64 7.62
CA TRP B 315 10.67 21.44 8.98
C TRP B 315 11.57 20.20 9.07
N PHE B 316 11.16 19.12 8.40
CA PHE B 316 11.95 17.91 8.42
C PHE B 316 13.35 18.16 7.86
N SER B 317 13.43 18.94 6.77
CA SER B 317 14.72 19.23 6.15
C SER B 317 15.62 20.12 7.01
N ALA B 318 14.99 20.98 7.80
CA ALA B 318 15.72 21.90 8.67
C ALA B 318 16.21 21.15 9.92
N LEU B 319 15.42 20.19 10.38
CA LEU B 319 15.75 19.40 11.56
C LEU B 319 16.77 18.28 11.30
N SER B 320 17.13 18.08 10.03
CA SER B 320 18.07 17.05 9.65
C SER B 320 19.41 17.64 9.23
N ALA B 321 19.45 18.97 9.13
CA ALA B 321 20.64 19.69 8.68
C ALA B 321 21.80 19.86 9.67
N ASP B 322 21.57 19.60 10.95
CA ASP B 322 22.62 19.74 11.96
C ASP B 322 22.23 18.97 13.20
N THR B 323 22.90 17.83 13.42
CA THR B 323 22.63 16.98 14.56
C THR B 323 23.31 17.49 15.83
N GLU B 324 23.99 18.62 15.71
CA GLU B 324 24.70 19.16 16.85
C GLU B 324 23.95 20.31 17.54
N ASP B 325 23.26 21.13 16.75
CA ASP B 325 22.52 22.29 17.27
C ASP B 325 21.51 21.97 18.36
N THR B 326 21.62 22.70 19.46
CA THR B 326 20.74 22.53 20.61
C THR B 326 19.29 22.96 20.35
N VAL B 327 19.08 23.98 19.53
CA VAL B 327 17.74 24.46 19.24
C VAL B 327 17.01 23.48 18.33
N ILE B 328 17.75 22.92 17.38
CA ILE B 328 17.20 21.92 16.47
C ILE B 328 16.81 20.71 17.31
N ARG B 329 17.73 20.25 18.16
CA ARG B 329 17.46 19.10 19.02
C ARG B 329 16.17 19.25 19.83
N ASP B 330 16.08 20.36 20.57
CA ASP B 330 14.90 20.62 21.39
C ASP B 330 13.62 20.74 20.58
N THR B 331 13.67 21.45 19.46
CA THR B 331 12.51 21.64 18.59
C THR B 331 12.01 20.28 18.08
N ALA B 332 12.94 19.47 17.59
CA ALA B 332 12.64 18.14 17.08
C ALA B 332 12.08 17.23 18.20
N MET B 333 12.66 17.32 19.39
CA MET B 333 12.20 16.49 20.50
C MET B 333 10.79 16.86 20.93
N THR B 334 10.45 18.15 20.89
CA THR B 334 9.09 18.58 21.25
C THR B 334 8.10 18.06 20.20
N LEU B 335 8.46 18.20 18.93
CA LEU B 335 7.62 17.71 17.84
C LEU B 335 7.45 16.20 17.95
N ALA B 336 8.49 15.50 18.40
CA ALA B 336 8.42 14.05 18.53
C ALA B 336 7.52 13.62 19.66
N ALA B 337 7.66 14.25 20.81
CA ALA B 337 6.84 13.93 21.96
C ALA B 337 5.36 14.19 21.63
N HIS B 338 5.12 15.28 20.92
CA HIS B 338 3.75 15.60 20.53
C HIS B 338 3.23 14.50 19.61
N TYR B 339 4.02 14.15 18.60
CA TYR B 339 3.64 13.12 17.65
C TYR B 339 3.16 11.84 18.31
N LEU B 340 3.95 11.31 19.23
CA LEU B 340 3.57 10.06 19.86
C LEU B 340 2.61 10.10 21.04
N VAL B 341 2.48 11.24 21.69
CA VAL B 341 1.58 11.39 22.83
C VAL B 341 0.23 12.03 22.52
N ARG B 342 0.21 13.03 21.64
CA ARG B 342 -1.01 13.73 21.32
C ARG B 342 -1.54 13.62 19.89
N GLU B 343 -1.11 12.60 19.16
CA GLU B 343 -1.58 12.41 17.79
C GLU B 343 -2.19 11.01 17.67
N GLY B 344 -3.46 10.94 17.29
CA GLY B 344 -4.12 9.65 17.14
C GLY B 344 -5.61 9.75 17.37
N GLY B 345 -6.35 8.82 16.78
CA GLY B 345 -7.80 8.81 16.90
C GLY B 345 -8.39 8.41 18.24
N LYS B 346 -8.02 9.12 19.31
CA LYS B 346 -8.52 8.85 20.65
C LYS B 346 -8.18 7.45 21.17
N GLY B 347 -7.29 7.39 22.17
CA GLY B 347 -6.92 6.11 22.74
C GLY B 347 -6.18 5.22 21.74
N VAL B 348 -5.83 5.77 20.59
CA VAL B 348 -5.11 4.99 19.59
C VAL B 348 -3.98 5.79 18.94
N PRO B 349 -2.79 5.78 19.58
CA PRO B 349 -1.61 6.50 19.08
C PRO B 349 -1.40 6.32 17.57
N ALA B 350 -1.21 7.44 16.86
CA ALA B 350 -0.99 7.39 15.43
C ALA B 350 0.20 6.50 15.12
N ASP B 351 1.25 6.62 15.92
CA ASP B 351 2.43 5.79 15.71
C ASP B 351 2.09 4.34 16.03
N PRO B 352 2.48 3.41 15.15
CA PRO B 352 2.21 1.99 15.37
C PRO B 352 3.01 1.46 16.56
N VAL B 353 4.27 1.86 16.63
CA VAL B 353 5.18 1.45 17.70
C VAL B 353 4.71 2.03 19.03
N ALA B 354 4.19 3.26 19.00
CA ALA B 354 3.71 3.87 20.22
C ALA B 354 2.40 3.20 20.63
N ARG B 355 1.63 2.76 19.63
CA ARG B 355 0.34 2.11 19.91
C ARG B 355 0.55 0.74 20.58
N PHE B 356 1.52 -0.02 20.06
CA PHE B 356 1.83 -1.32 20.62
C PHE B 356 2.23 -1.17 22.07
N HIS B 357 3.36 -0.51 22.30
CA HIS B 357 3.85 -0.30 23.66
C HIS B 357 2.91 0.44 24.59
N LEU B 358 2.18 1.44 24.08
CA LEU B 358 1.23 2.16 24.95
C LEU B 358 0.10 1.18 25.23
N GLY B 359 -0.18 0.33 24.25
CA GLY B 359 -1.24 -0.66 24.37
C GLY B 359 -0.83 -1.91 25.13
N ASN B 360 0.25 -1.80 25.90
CA ASN B 360 0.77 -2.89 26.72
C ASN B 360 0.98 -2.39 28.16
N GLY B 361 0.53 -1.18 28.43
CA GLY B 361 0.66 -0.60 29.76
C GLY B 361 1.90 0.23 30.02
N ALA B 362 2.67 0.52 28.98
CA ALA B 362 3.90 1.29 29.15
C ALA B 362 3.69 2.80 29.31
N CYS B 363 4.75 3.48 29.74
CA CYS B 363 4.76 4.92 29.94
C CYS B 363 5.85 5.52 29.02
N VAL B 364 5.50 6.56 28.27
CA VAL B 364 6.49 7.20 27.41
C VAL B 364 7.43 7.92 28.39
N GLU B 365 8.59 7.31 28.62
CA GLU B 365 9.57 7.77 29.59
C GLU B 365 10.58 8.82 29.13
N ARG B 366 11.03 8.74 27.89
CA ARG B 366 11.95 9.74 27.41
C ARG B 366 12.27 9.65 25.92
N VAL B 367 12.50 10.82 25.33
CA VAL B 367 12.85 10.92 23.92
C VAL B 367 14.36 11.08 23.83
N ASN B 368 15.00 10.32 22.95
CA ASN B 368 16.45 10.36 22.83
C ASN B 368 16.94 10.94 21.52
N TRP B 369 17.81 11.93 21.61
CA TRP B 369 18.38 12.56 20.43
C TRP B 369 19.65 11.80 20.04
N GLY B 370 19.83 11.55 18.75
CA GLY B 370 21.01 10.84 18.29
C GLY B 370 21.00 9.42 18.84
N ALA B 371 19.81 8.84 18.96
CA ALA B 371 19.67 7.49 19.49
C ALA B 371 19.92 6.43 18.42
N ASP B 372 19.51 6.73 17.18
CA ASP B 372 19.69 5.82 16.04
C ASP B 372 20.20 6.57 14.82
N MET B 373 21.51 6.80 14.76
CA MET B 373 22.15 7.53 13.66
C MET B 373 22.41 6.72 12.39
N SER B 374 21.63 5.66 12.17
CA SER B 374 21.78 4.86 10.97
C SER B 374 21.17 5.68 9.83
N ARG B 375 21.31 5.17 8.60
CA ARG B 375 20.74 5.86 7.45
C ARG B 375 19.23 5.88 7.65
N LYS B 376 18.68 4.73 8.03
CA LYS B 376 17.25 4.59 8.25
C LYS B 376 16.72 5.41 9.41
N GLY B 377 17.50 5.48 10.49
CA GLY B 377 17.08 6.22 11.66
C GLY B 377 16.89 7.70 11.37
N ARG B 378 17.86 8.28 10.68
CA ARG B 378 17.80 9.69 10.33
C ARG B 378 16.66 9.98 9.36
N ALA B 379 16.32 8.99 8.54
CA ALA B 379 15.26 9.13 7.56
C ALA B 379 13.86 8.97 8.17
N GLN B 380 13.77 8.23 9.27
CA GLN B 380 12.48 8.01 9.92
C GLN B 380 12.11 9.03 10.99
N SER B 381 13.11 9.50 11.74
CA SER B 381 12.86 10.43 12.83
C SER B 381 14.03 11.30 13.20
N CYS B 382 14.92 11.55 12.25
CA CYS B 382 16.09 12.36 12.52
C CYS B 382 16.98 11.67 13.55
N GLY B 383 16.92 10.34 13.57
CA GLY B 383 17.74 9.58 14.50
C GLY B 383 17.23 9.55 15.93
N MET B 384 16.00 9.99 16.12
CA MET B 384 15.40 10.02 17.45
C MET B 384 14.75 8.70 17.83
N MET B 385 15.00 8.25 19.06
CA MET B 385 14.38 7.03 19.55
C MET B 385 13.65 7.39 20.83
N VAL B 386 12.85 6.45 21.33
CA VAL B 386 12.06 6.65 22.54
C VAL B 386 12.15 5.45 23.48
N ASN B 387 12.07 5.73 24.78
CA ASN B 387 12.08 4.71 25.83
C ASN B 387 10.67 4.59 26.42
N TYR B 388 10.06 3.40 26.37
CA TYR B 388 8.75 3.19 26.99
C TYR B 388 9.06 2.42 28.26
N LEU B 389 8.73 2.99 29.41
CA LEU B 389 8.99 2.37 30.70
C LEU B 389 7.84 1.49 31.15
N TYR B 390 8.17 0.25 31.53
CA TYR B 390 7.16 -0.68 32.01
C TYR B 390 7.27 -0.85 33.51
N VAL B 391 6.23 -0.44 34.22
CA VAL B 391 6.21 -0.58 35.68
C VAL B 391 5.13 -1.61 35.95
N PRO B 392 5.54 -2.84 36.32
CA PRO B 392 4.60 -3.92 36.62
C PRO B 392 3.29 -3.47 37.27
N ASP B 393 3.39 -2.94 38.48
CA ASP B 393 2.23 -2.49 39.25
C ASP B 393 1.68 -1.14 38.79
N ALA B 394 1.51 -0.98 37.48
CA ALA B 394 0.99 0.26 36.91
C ALA B 394 0.44 0.00 35.51
N LEU B 395 0.86 -1.10 34.91
CA LEU B 395 0.43 -1.47 33.57
C LEU B 395 -1.08 -1.36 33.40
N ASP B 396 -1.84 -1.76 34.40
CA ASP B 396 -3.30 -1.69 34.34
C ASP B 396 -3.80 -0.25 34.31
N ASP B 397 -3.31 0.55 35.26
CA ASP B 397 -3.69 1.95 35.40
C ASP B 397 -3.41 2.70 34.10
N ASN B 398 -2.22 2.47 33.53
CA ASN B 398 -1.84 3.13 32.29
C ASN B 398 -2.73 2.70 31.13
N LEU B 399 -3.01 1.40 31.07
CA LEU B 399 -3.87 0.84 30.01
C LEU B 399 -5.23 1.51 30.04
N ALA B 400 -5.64 1.93 31.24
CA ALA B 400 -6.92 2.60 31.42
C ALA B 400 -6.82 4.04 30.94
N ARG B 401 -5.82 4.75 31.44
CA ARG B 401 -5.60 6.16 31.09
C ARG B 401 -5.44 6.39 29.58
N LEU B 402 -4.99 5.36 28.86
CA LEU B 402 -4.82 5.45 27.41
C LEU B 402 -6.18 5.42 26.69
N GLY B 403 -7.15 4.76 27.31
CA GLY B 403 -8.47 4.69 26.73
C GLY B 403 -9.21 6.01 26.90
N ASP B 404 -8.72 6.83 27.83
CA ASP B 404 -9.29 8.14 28.09
C ASP B 404 -8.62 9.15 27.16
N GLY B 405 -7.64 8.67 26.41
CA GLY B 405 -6.92 9.56 25.51
C GLY B 405 -5.97 10.46 26.27
N ASN B 406 -5.35 9.91 27.32
CA ASN B 406 -4.40 10.65 28.16
C ASN B 406 -3.24 9.71 28.52
N PRO B 407 -2.36 9.41 27.53
CA PRO B 407 -1.20 8.54 27.68
C PRO B 407 -0.31 8.86 28.87
N ARG B 408 0.13 7.82 29.58
CA ARG B 408 1.01 8.00 30.73
C ARG B 408 2.33 8.59 30.27
N ILE B 409 2.77 9.63 30.97
CA ILE B 409 4.00 10.33 30.61
C ILE B 409 4.86 10.65 31.81
N SER B 410 6.17 10.74 31.60
CA SER B 410 7.11 11.08 32.66
C SER B 410 7.27 12.60 32.74
N ARG B 411 7.97 13.10 33.76
CA ARG B 411 8.17 14.54 33.90
C ARG B 411 8.91 15.10 32.70
N ALA B 412 10.02 14.45 32.34
CA ALA B 412 10.84 14.88 31.21
C ALA B 412 10.07 15.03 29.89
N VAL B 413 9.11 14.15 29.64
CA VAL B 413 8.33 14.21 28.41
C VAL B 413 7.22 15.26 28.52
N ALA B 414 6.66 15.43 29.71
CA ALA B 414 5.63 16.45 29.90
C ALA B 414 6.28 17.81 29.65
N LYS B 415 7.53 17.93 30.09
CA LYS B 415 8.28 19.17 29.94
C LYS B 415 8.51 19.53 28.47
N LEU B 416 8.61 18.51 27.61
CA LEU B 416 8.82 18.71 26.16
C LEU B 416 7.52 19.17 25.52
N LEU B 417 6.42 18.90 26.20
CA LEU B 417 5.10 19.25 25.69
C LEU B 417 4.55 20.60 26.15
#